data_9KBW
#
_entry.id   9KBW
#
_cell.length_a   1.00
_cell.length_b   1.00
_cell.length_c   1.00
_cell.angle_alpha   90.00
_cell.angle_beta   90.00
_cell.angle_gamma   90.00
#
_symmetry.space_group_name_H-M   'P 1'
#
loop_
_entity.id
_entity.type
_entity.pdbx_description
1 polymer 'Growth arrest-specific protein 2'
2 polymer 'Tubulin beta chain'
3 polymer 'Detyrosinated tubulin alpha-1B chain'
4 non-polymer 'ZINC ION'
5 non-polymer "GUANOSINE-5'-TRIPHOSPHATE"
6 non-polymer 'MAGNESIUM ION'
#
loop_
_entity_poly.entity_id
_entity_poly.type
_entity_poly.pdbx_seq_one_letter_code
_entity_poly.pdbx_strand_id
1 'polypeptide(L)' LLDDAVKRISEDPPCKCPTKFCVERLSQGRYRVGEKILFIRMLHNKHVMVRVGGGWETFAGYLLKHDPCRML A
2 'polypeptide(L)'
;MREIVHIQAGQCGNQIGAKFWEVISDEHGIDPTGSYHGDSDLQLERINVYYNEAAGNKYVPRAILVDLEPGTMDSVRSGP
FGQIFRPDNFVFGQSGAGNNWAKGHYTEGAELVDSVLDVVRKESESCDCLQGFQLTHSLGGGTGSGMGTLLISKIREEYP
DRIMNTFSVVPSPKVSDTVVEPYNATLSVHQLVENTDETYCIDNEALYDICFRTLKLTTPTYGDLNHLVSATMSGVTTCL
RFPGQLNADLRKLAVNMVPFPRLHFFMPGFAPLTSRGSQQYRALTVPELTQQMFDAKNMMAACDPRHGRYLTVAAVFRGR
MSMKEVDEQMLNVQNKNSSYFVEWIPNNVKTAVCDIPPRGLKMSATFIGNSTAIQELFKRISEQFTAMFRRKAFLHWYTG
EGMDEMEFTEAESNMNDLVSEYQQYQ
;
B
3 'polypeptide(L)'
;MRECISIHVGQAGVQIGNACWELYCLEHGIQPDGQMPSDKTIGGGDDSFNTFFSETGAGKHVPRAVFVDLEPTVIDEVRT
GTYRQLFHPEQLITGKEDAANNYARGHYTIGKEIIDLVLDRIRKLADQCTGLQGFLVFHSFGGGTGSGFTSLLMERLSVD
YGKKSKLEFSIYPAPQVSTAVVEPYNSILTTHTTLEHSDCAFMVDNEAIYDICRRNLDIERPTYTNLNRLISQIVSSITA
SLRFDGALNVDLTEFQTNLVPYPRIHFPLATYAPVISAEKAYHEQLSVAEITNACFEPANQMVKCDPRHGKYMACCLLYR
GDVVPKDVNAAIATIKTKRSIQFVDWCPTGFKVGINYQPPTVVPGGDLAKVQRAVCMLSNTTAIAEAWARLDHKFDLMYA
KRAFVHWYVGEGMEEGEFSEAREDMAALEKDYEEVGVDS
;
C
#
loop_
_chem_comp.id
_chem_comp.type
_chem_comp.name
_chem_comp.formula
GTP non-polymer GUANOSINE-5'-TRIPHOSPHATE 'C10 H16 N5 O14 P3'
MG non-polymer 'MAGNESIUM ION' 'Mg 2'
ZN non-polymer 'ZINC ION' 'Zn 2'
#
# COMPACT_ATOMS: atom_id res chain seq x y z
N LEU A 1 -19.79 -21.73 17.30
CA LEU A 1 -20.16 -22.24 15.95
C LEU A 1 -19.04 -23.09 15.34
N LEU A 2 -17.88 -22.51 14.98
CA LEU A 2 -16.79 -23.22 14.28
C LEU A 2 -16.18 -24.40 15.05
N ASP A 3 -16.45 -24.50 16.35
CA ASP A 3 -15.96 -25.54 17.25
C ASP A 3 -16.26 -26.96 16.71
N ASP A 4 -17.42 -27.16 16.08
CA ASP A 4 -17.76 -28.43 15.42
C ASP A 4 -16.86 -28.71 14.21
N ALA A 5 -16.60 -27.69 13.38
CA ALA A 5 -15.74 -27.83 12.21
C ALA A 5 -14.27 -28.01 12.57
N VAL A 6 -13.77 -27.29 13.59
CA VAL A 6 -12.41 -27.44 14.14
C VAL A 6 -12.23 -28.84 14.75
N LYS A 7 -13.22 -29.35 15.50
CA LYS A 7 -13.21 -30.74 15.95
C LYS A 7 -13.17 -31.70 14.75
N ARG A 8 -14.12 -31.57 13.81
CA ARG A 8 -14.24 -32.44 12.63
C ARG A 8 -12.94 -32.52 11.83
N ILE A 9 -12.37 -31.39 11.43
CA ILE A 9 -11.15 -31.37 10.61
C ILE A 9 -9.92 -31.93 11.34
N SER A 10 -9.92 -31.92 12.68
CA SER A 10 -8.82 -32.50 13.47
C SER A 10 -8.81 -34.04 13.50
N GLU A 11 -9.94 -34.71 13.30
CA GLU A 11 -10.01 -36.16 13.55
C GLU A 11 -10.86 -36.98 12.57
N ASP A 12 -11.38 -36.39 11.49
CA ASP A 12 -11.76 -37.18 10.29
C ASP A 12 -10.58 -38.02 9.76
N PRO A 13 -9.35 -37.48 9.61
CA PRO A 13 -8.11 -38.25 9.65
C PRO A 13 -7.73 -38.49 11.13
N PRO A 14 -7.88 -39.71 11.68
CA PRO A 14 -7.68 -39.95 13.11
C PRO A 14 -6.24 -39.69 13.58
N CYS A 15 -6.07 -39.22 14.83
CA CYS A 15 -4.75 -39.10 15.43
C CYS A 15 -4.18 -40.47 15.82
N LYS A 16 -2.97 -40.78 15.37
CA LYS A 16 -2.28 -42.07 15.51
C LYS A 16 -1.19 -42.07 16.60
N CYS A 17 -1.01 -40.95 17.31
CA CYS A 17 -0.01 -40.78 18.37
C CYS A 17 -0.27 -41.68 19.60
N PRO A 18 0.78 -42.03 20.38
CA PRO A 18 0.65 -42.81 21.61
C PRO A 18 0.00 -42.01 22.75
N THR A 19 0.18 -40.69 22.79
CA THR A 19 -0.70 -39.74 23.49
C THR A 19 -1.34 -38.82 22.46
N LYS A 20 -2.67 -38.68 22.46
CA LYS A 20 -3.40 -37.92 21.43
C LYS A 20 -2.93 -36.46 21.36
N PHE A 21 -2.65 -35.97 20.16
CA PHE A 21 -2.21 -34.59 19.92
C PHE A 21 -3.35 -33.61 20.25
N CYS A 22 -3.10 -32.65 21.13
CA CYS A 22 -4.14 -31.80 21.72
C CYS A 22 -4.78 -30.84 20.71
N VAL A 23 -6.11 -30.72 20.75
CA VAL A 23 -6.94 -29.71 20.05
C VAL A 23 -8.10 -29.30 20.97
N GLU A 24 -7.81 -29.03 22.24
CA GLU A 24 -8.83 -28.57 23.20
C GLU A 24 -9.26 -27.12 22.90
N ARG A 25 -10.34 -26.63 23.54
CA ARG A 25 -10.68 -25.22 23.45
C ARG A 25 -10.65 -24.59 24.83
N LEU A 26 -10.08 -23.39 24.92
CA LEU A 26 -10.24 -22.60 26.13
C LEU A 26 -11.53 -21.79 26.08
N SER A 27 -11.74 -21.08 24.97
CA SER A 27 -12.94 -20.29 24.75
C SER A 27 -13.09 -20.13 23.23
N GLN A 28 -13.95 -19.20 22.82
CA GLN A 28 -14.15 -18.97 21.40
C GLN A 28 -12.92 -18.33 20.78
N GLY A 29 -12.48 -18.86 19.64
CA GLY A 29 -11.34 -18.37 18.86
C GLY A 29 -9.93 -18.76 19.36
N ARG A 30 -9.82 -19.39 20.53
CA ARG A 30 -8.54 -19.69 21.23
C ARG A 30 -8.38 -21.19 21.47
N TYR A 31 -7.68 -21.87 20.56
CA TYR A 31 -7.49 -23.33 20.57
C TYR A 31 -6.03 -23.68 20.87
N ARG A 32 -5.77 -24.50 21.91
CA ARG A 32 -4.40 -24.90 22.31
C ARG A 32 -3.89 -26.09 21.48
N VAL A 33 -3.82 -25.91 20.17
CA VAL A 33 -3.39 -26.95 19.23
C VAL A 33 -1.93 -27.34 19.53
N GLY A 34 -1.66 -28.57 19.98
CA GLY A 34 -0.28 -29.01 20.22
C GLY A 34 0.47 -28.14 21.23
N GLU A 35 -0.15 -27.81 22.37
CA GLU A 35 0.41 -26.95 23.44
C GLU A 35 0.72 -25.50 23.01
N LYS A 36 -0.04 -24.94 22.05
CA LYS A 36 0.14 -23.56 21.56
C LYS A 36 -1.21 -22.93 21.24
N ILE A 37 -1.52 -21.77 21.83
CA ILE A 37 -2.83 -21.13 21.67
C ILE A 37 -2.86 -20.32 20.35
N LEU A 38 -3.31 -20.98 19.29
CA LEU A 38 -3.55 -20.36 17.99
C LEU A 38 -4.77 -19.43 18.01
N PHE A 39 -4.89 -18.60 16.98
CA PHE A 39 -6.08 -17.82 16.66
C PHE A 39 -6.72 -18.37 15.39
N ILE A 40 -8.00 -18.74 15.46
CA ILE A 40 -8.72 -19.48 14.41
C ILE A 40 -9.80 -18.60 13.75
N ARG A 41 -9.96 -18.70 12.43
CA ARG A 41 -10.95 -17.98 11.65
C ARG A 41 -11.68 -18.88 10.64
N MET A 42 -12.96 -18.60 10.40
CA MET A 42 -13.71 -19.00 9.19
C MET A 42 -14.80 -17.96 8.89
N LEU A 43 -15.36 -17.99 7.67
CA LEU A 43 -16.47 -17.11 7.28
C LEU A 43 -17.56 -17.83 6.47
N HIS A 44 -17.20 -18.50 5.38
CA HIS A 44 -18.13 -19.16 4.44
C HIS A 44 -17.52 -20.43 3.84
N ASN A 45 -18.37 -21.33 3.33
CA ASN A 45 -17.98 -22.67 2.83
C ASN A 45 -17.17 -23.52 3.84
N LYS A 46 -17.21 -23.16 5.13
CA LYS A 46 -16.42 -23.74 6.23
C LYS A 46 -14.89 -23.77 5.99
N HIS A 47 -14.32 -22.90 5.13
CA HIS A 47 -12.87 -22.80 5.02
C HIS A 47 -12.28 -22.28 6.33
N VAL A 48 -11.35 -23.02 6.94
CA VAL A 48 -10.86 -22.73 8.30
C VAL A 48 -9.35 -22.46 8.30
N MET A 49 -9.00 -21.30 8.85
CA MET A 49 -7.69 -20.68 8.75
C MET A 49 -7.07 -20.40 10.12
N VAL A 50 -5.75 -20.48 10.20
CA VAL A 50 -4.94 -20.15 11.38
C VAL A 50 -3.98 -19.00 11.09
N ARG A 51 -3.93 -18.05 12.01
CA ARG A 51 -3.04 -16.87 11.97
C ARG A 51 -1.64 -17.29 12.44
N VAL A 52 -0.71 -17.46 11.51
CA VAL A 52 0.64 -18.02 11.78
C VAL A 52 1.73 -17.38 10.92
N GLY A 53 2.95 -17.30 11.46
CA GLY A 53 4.12 -16.80 10.74
C GLY A 53 3.88 -15.43 10.10
N GLY A 54 4.29 -15.29 8.85
CA GLY A 54 4.11 -14.08 8.06
C GLY A 54 2.69 -13.83 7.55
N GLY A 55 1.68 -14.63 7.93
CA GLY A 55 0.34 -14.50 7.35
C GLY A 55 -0.67 -15.50 7.92
N TRP A 56 -1.10 -16.44 7.08
CA TRP A 56 -2.22 -17.35 7.31
C TRP A 56 -2.00 -18.72 6.66
N GLU A 57 -2.55 -19.78 7.25
CA GLU A 57 -2.51 -21.15 6.71
C GLU A 57 -3.85 -21.87 7.01
N THR A 58 -4.20 -22.88 6.22
CA THR A 58 -5.36 -23.76 6.48
C THR A 58 -5.14 -24.61 7.73
N PHE A 59 -6.18 -24.89 8.51
CA PHE A 59 -6.04 -25.69 9.74
C PHE A 59 -5.49 -27.10 9.47
N ALA A 60 -5.96 -27.77 8.41
CA ALA A 60 -5.43 -29.08 8.01
C ALA A 60 -3.98 -28.98 7.52
N GLY A 61 -3.68 -28.01 6.65
CA GLY A 61 -2.31 -27.74 6.18
C GLY A 61 -1.32 -27.42 7.29
N TYR A 62 -1.76 -26.79 8.38
CA TYR A 62 -0.96 -26.58 9.59
C TYR A 62 -0.60 -27.91 10.27
N LEU A 63 -1.59 -28.76 10.57
CA LEU A 63 -1.34 -30.08 11.17
C LEU A 63 -0.40 -30.95 10.31
N LEU A 64 -0.51 -30.86 8.98
CA LEU A 64 0.38 -31.52 8.01
C LEU A 64 1.84 -31.03 8.04
N LYS A 65 2.20 -30.07 8.91
CA LYS A 65 3.57 -29.69 9.29
C LYS A 65 3.87 -29.72 10.81
N HIS A 66 2.92 -30.10 11.67
CA HIS A 66 3.03 -29.93 13.13
C HIS A 66 2.68 -31.14 14.00
N ASP A 67 1.97 -32.17 13.52
CA ASP A 67 1.80 -33.41 14.28
C ASP A 67 2.59 -34.54 13.58
N PRO A 68 3.61 -35.15 14.23
CA PRO A 68 4.45 -36.17 13.61
C PRO A 68 3.67 -37.31 12.91
N CYS A 69 2.51 -37.71 13.44
CA CYS A 69 1.70 -38.77 12.87
C CYS A 69 0.86 -38.37 11.63
N ARG A 70 0.80 -37.08 11.29
CA ARG A 70 0.24 -36.57 10.01
C ARG A 70 1.28 -36.63 8.88
N MET A 71 2.58 -36.66 9.23
CA MET A 71 3.67 -36.74 8.24
C MET A 71 3.70 -38.09 7.51
N LEU A 72 3.40 -39.20 8.21
CA LEU A 72 3.52 -40.59 7.70
C LEU A 72 2.33 -41.46 8.14
N MET B 1 -3.46 7.29 17.45
CA MET B 1 -4.04 6.43 16.37
C MET B 1 -2.93 5.71 15.61
N ARG B 2 -3.13 4.45 15.21
CA ARG B 2 -2.14 3.62 14.47
C ARG B 2 -0.77 3.59 15.16
N GLU B 3 -0.77 3.40 16.47
CA GLU B 3 0.43 3.38 17.30
C GLU B 3 1.32 2.15 17.07
N ILE B 4 2.57 2.26 17.51
CA ILE B 4 3.52 1.14 17.57
C ILE B 4 4.17 1.17 18.96
N VAL B 5 4.38 0.00 19.57
CA VAL B 5 5.15 -0.13 20.81
C VAL B 5 6.51 -0.75 20.50
N HIS B 6 7.56 -0.19 21.08
CA HIS B 6 8.94 -0.57 20.81
C HIS B 6 9.51 -1.39 21.97
N ILE B 7 10.16 -2.51 21.70
CA ILE B 7 10.74 -3.39 22.70
C ILE B 7 12.22 -3.58 22.40
N GLN B 8 13.09 -3.43 23.38
CA GLN B 8 14.54 -3.67 23.22
C GLN B 8 14.96 -4.83 24.11
N ALA B 9 15.53 -5.88 23.50
CA ALA B 9 16.01 -7.06 24.21
C ALA B 9 17.52 -7.28 24.01
N GLY B 10 18.28 -7.39 25.11
CA GLY B 10 19.74 -7.53 25.10
C GLY B 10 20.49 -6.21 24.94
N GLN B 11 21.83 -6.20 25.03
CA GLN B 11 22.68 -5.03 24.83
C GLN B 11 22.56 -4.45 23.43
N CYS B 12 22.58 -5.31 22.41
CA CYS B 12 22.42 -4.93 21.02
C CYS B 12 21.06 -4.26 20.81
N GLY B 13 20.00 -4.92 21.25
CA GLY B 13 18.66 -4.35 21.30
C GLY B 13 18.65 -3.01 22.04
N ASN B 14 19.31 -2.92 23.18
CA ASN B 14 19.24 -1.72 24.00
C ASN B 14 19.94 -0.55 23.35
N GLN B 15 21.14 -0.78 22.81
CA GLN B 15 22.01 0.19 22.14
C GLN B 15 21.44 0.68 20.82
N ILE B 16 20.88 -0.23 20.00
CA ILE B 16 20.15 0.15 18.78
C ILE B 16 18.93 0.99 19.17
N GLY B 17 18.10 0.54 20.13
CA GLY B 17 16.93 1.27 20.59
C GLY B 17 17.29 2.67 21.09
N ALA B 18 18.41 2.83 21.79
CA ALA B 18 18.85 4.14 22.26
C ALA B 18 19.11 5.07 21.09
N LYS B 19 19.87 4.60 20.09
CA LYS B 19 20.13 5.45 18.93
C LYS B 19 18.86 5.69 18.13
N PHE B 20 17.95 4.72 18.10
CA PHE B 20 16.64 4.84 17.49
C PHE B 20 15.82 5.94 18.14
N TRP B 21 15.69 5.96 19.46
CA TRP B 21 15.02 7.07 20.14
C TRP B 21 15.72 8.40 19.95
N GLU B 22 17.05 8.38 19.79
CA GLU B 22 17.78 9.60 19.47
C GLU B 22 17.33 10.17 18.13
N VAL B 23 17.33 9.33 17.09
CA VAL B 23 17.01 9.84 15.76
C VAL B 23 15.53 10.18 15.65
N ILE B 24 14.66 9.45 16.37
CA ILE B 24 13.24 9.80 16.35
C ILE B 24 13.01 11.17 16.94
N SER B 25 13.54 11.40 18.15
CA SER B 25 13.34 12.69 18.79
C SER B 25 14.00 13.82 18.01
N ASP B 26 15.11 13.53 17.32
CA ASP B 26 15.67 14.53 16.42
C ASP B 26 14.71 14.84 15.28
N GLU B 27 14.05 13.80 14.74
CA GLU B 27 13.10 14.02 13.65
C GLU B 27 11.92 14.88 14.10
N HIS B 28 11.39 14.59 15.29
CA HIS B 28 10.25 15.32 15.81
C HIS B 28 10.64 16.54 16.64
N GLY B 29 11.95 16.80 16.77
CA GLY B 29 12.40 17.97 17.49
C GLY B 29 12.00 17.97 18.95
N ILE B 30 12.22 16.86 19.64
CA ILE B 30 11.81 16.70 21.03
C ILE B 30 12.99 17.00 21.93
N ASP B 31 12.78 17.90 22.90
CA ASP B 31 13.76 18.21 23.91
C ASP B 31 14.13 16.94 24.68
N PRO B 32 15.42 16.71 24.95
CA PRO B 32 15.79 15.57 25.80
C PRO B 32 15.02 15.52 27.10
N THR B 33 14.58 16.66 27.64
CA THR B 33 13.66 16.64 28.76
C THR B 33 12.33 16.02 28.37
N GLY B 34 11.82 16.37 27.19
CA GLY B 34 10.55 15.85 26.74
C GLY B 34 9.67 16.92 26.12
N SER B 35 10.18 18.15 26.04
CA SER B 35 9.42 19.26 25.49
C SER B 35 9.54 19.30 23.98
N TYR B 36 8.67 20.09 23.35
CA TYR B 36 8.67 20.30 21.92
C TYR B 36 9.24 21.67 21.58
N HIS B 37 10.13 21.71 20.58
CA HIS B 37 10.73 22.96 20.14
C HIS B 37 10.87 23.02 18.62
N GLY B 38 9.95 22.38 17.90
CA GLY B 38 9.99 22.37 16.46
C GLY B 38 9.32 23.59 15.85
N ASP B 39 9.14 23.53 14.52
CA ASP B 39 8.57 24.65 13.77
C ASP B 39 7.52 24.19 12.77
N SER B 40 7.03 22.95 12.88
CA SER B 40 6.04 22.43 11.95
C SER B 40 4.96 21.68 12.73
N ASP B 41 3.72 21.82 12.28
CA ASP B 41 2.60 21.12 12.89
C ASP B 41 2.47 19.68 12.41
N LEU B 42 3.14 19.32 11.31
CA LEU B 42 3.09 17.95 10.83
C LEU B 42 3.69 16.98 11.82
N GLN B 43 4.69 17.42 12.59
CA GLN B 43 5.27 16.56 13.62
C GLN B 43 4.26 16.29 14.73
N LEU B 44 3.54 17.32 15.18
CA LEU B 44 2.50 17.11 16.18
C LEU B 44 1.37 16.26 15.62
N GLU B 45 1.13 16.33 14.31
CA GLU B 45 0.01 15.62 13.72
C GLU B 45 0.13 14.11 13.92
N ARG B 46 1.34 13.53 14.04
CA ARG B 46 1.52 12.08 14.35
C ARG B 46 2.56 11.84 15.41
N ILE B 47 2.82 12.80 16.29
CA ILE B 47 3.68 12.52 17.44
C ILE B 47 3.16 11.34 18.25
N ASN B 48 1.87 11.02 18.22
CA ASN B 48 1.31 9.96 19.06
C ASN B 48 1.66 8.54 18.59
N VAL B 49 2.31 8.36 17.43
CA VAL B 49 2.72 7.03 16.94
C VAL B 49 3.75 6.38 17.84
N TYR B 50 4.71 7.16 18.34
CA TYR B 50 5.83 6.67 19.14
C TYR B 50 5.93 7.28 20.54
N TYR B 51 5.04 8.21 20.88
CA TYR B 51 5.09 8.97 22.12
C TYR B 51 3.72 9.01 22.76
N ASN B 52 3.66 9.18 24.07
CA ASN B 52 2.44 9.41 24.85
C ASN B 52 2.50 10.83 25.41
N GLU B 53 1.37 11.53 25.39
CA GLU B 53 1.26 12.87 25.92
C GLU B 53 1.19 12.81 27.44
N ALA B 54 2.02 13.64 28.09
CA ALA B 54 2.02 13.76 29.55
C ALA B 54 1.72 15.20 29.93
N ALA B 55 1.40 15.39 31.21
CA ALA B 55 1.07 16.72 31.71
C ALA B 55 2.27 17.65 31.58
N GLY B 56 1.99 18.93 31.32
CA GLY B 56 3.03 19.92 31.17
C GLY B 56 3.71 19.94 29.82
N ASN B 57 3.03 19.49 28.77
CA ASN B 57 3.59 19.44 27.41
C ASN B 57 4.87 18.61 27.39
N LYS B 58 4.75 17.37 27.87
CA LYS B 58 5.85 16.44 27.92
C LYS B 58 5.45 15.14 27.24
N TYR B 59 6.38 14.57 26.49
CA TYR B 59 6.16 13.36 25.73
C TYR B 59 7.10 12.27 26.21
N VAL B 60 6.56 11.08 26.45
CA VAL B 60 7.32 9.91 26.86
C VAL B 60 7.24 8.88 25.75
N PRO B 61 8.34 8.31 25.30
CA PRO B 61 8.28 7.32 24.23
C PRO B 61 7.56 6.05 24.68
N ARG B 62 6.91 5.39 23.73
CA ARG B 62 6.13 4.17 23.94
C ARG B 62 7.02 2.93 23.83
N ALA B 63 8.05 2.87 24.66
CA ALA B 63 9.13 1.91 24.60
C ALA B 63 9.25 1.08 25.87
N ILE B 64 9.71 -0.17 25.77
CA ILE B 64 10.22 -0.93 26.91
C ILE B 64 11.63 -1.44 26.66
N LEU B 65 12.43 -1.43 27.71
CA LEU B 65 13.85 -1.75 27.65
C LEU B 65 14.09 -2.91 28.61
N VAL B 66 14.51 -4.06 28.08
CA VAL B 66 14.58 -5.31 28.82
C VAL B 66 15.91 -6.05 28.56
N ASP B 67 16.59 -6.50 29.61
CA ASP B 67 17.47 -7.66 29.55
C ASP B 67 17.72 -8.20 30.95
N LEU B 68 18.20 -9.43 31.03
CA LEU B 68 18.38 -10.14 32.29
C LEU B 68 19.54 -9.60 33.16
N GLU B 69 20.22 -8.53 32.75
CA GLU B 69 21.44 -8.00 33.39
C GLU B 69 21.42 -6.45 33.46
N PRO B 70 21.78 -5.81 34.60
CA PRO B 70 21.43 -4.42 34.89
C PRO B 70 22.42 -3.39 34.38
N GLY B 71 23.55 -3.82 33.79
CA GLY B 71 24.56 -2.86 33.37
C GLY B 71 24.12 -1.96 32.23
N THR B 72 23.35 -2.45 31.27
CA THR B 72 22.96 -1.59 30.15
C THR B 72 21.79 -0.70 30.47
N MET B 73 20.99 -0.96 31.52
CA MET B 73 20.00 0.00 31.98
C MET B 73 20.64 1.27 32.48
N ASP B 74 21.69 1.13 33.30
CA ASP B 74 22.36 2.30 33.83
C ASP B 74 22.98 3.13 32.72
N SER B 75 23.61 2.48 31.75
CA SER B 75 24.21 3.21 30.64
C SER B 75 23.17 3.96 29.84
N VAL B 76 22.06 3.30 29.50
CA VAL B 76 21.05 3.94 28.65
C VAL B 76 20.35 5.07 29.41
N ARG B 77 20.18 4.90 30.72
CA ARG B 77 19.50 5.92 31.50
C ARG B 77 20.41 7.15 31.72
N SER B 78 21.68 6.92 32.02
CA SER B 78 22.58 8.04 32.27
C SER B 78 23.14 8.65 30.99
N GLY B 79 22.91 8.00 29.85
CA GLY B 79 23.47 8.46 28.60
C GLY B 79 22.69 9.60 27.98
N PRO B 80 22.89 9.83 26.69
CA PRO B 80 22.19 10.93 26.01
C PRO B 80 20.73 10.58 25.75
N PHE B 81 19.87 11.57 25.97
CA PHE B 81 18.42 11.41 25.90
C PHE B 81 17.95 10.34 26.89
N GLY B 82 18.70 10.17 27.97
CA GLY B 82 18.42 9.12 28.92
C GLY B 82 17.19 9.38 29.77
N GLN B 83 17.00 10.63 30.18
CA GLN B 83 15.88 10.98 31.05
C GLN B 83 14.65 11.38 30.26
N ILE B 84 14.27 10.53 29.31
CA ILE B 84 13.01 10.68 28.57
C ILE B 84 12.06 9.52 28.78
N PHE B 85 12.55 8.33 29.04
CA PHE B 85 11.70 7.19 29.33
C PHE B 85 11.22 7.28 30.78
N ARG B 86 9.95 7.04 31.06
CA ARG B 86 9.45 6.97 32.42
C ARG B 86 10.10 5.79 33.11
N PRO B 87 10.77 5.97 34.26
CA PRO B 87 11.57 4.89 34.86
C PRO B 87 10.73 3.76 35.44
N ASP B 88 9.81 3.25 34.63
CA ASP B 88 9.07 2.04 34.95
C ASP B 88 9.11 1.02 33.83
N ASN B 89 9.39 1.43 32.58
CA ASN B 89 9.55 0.50 31.49
C ASN B 89 10.86 -0.28 31.57
N PHE B 90 11.90 0.30 32.16
CA PHE B 90 13.14 -0.43 32.38
C PHE B 90 12.88 -1.57 33.35
N VAL B 91 12.84 -2.79 32.82
CA VAL B 91 12.61 -3.98 33.62
C VAL B 91 13.78 -4.91 33.36
N PHE B 92 14.67 -5.00 34.35
CA PHE B 92 15.95 -5.67 34.21
C PHE B 92 16.10 -6.77 35.24
N GLY B 93 16.82 -7.83 34.86
CA GLY B 93 17.18 -8.89 35.78
C GLY B 93 18.41 -8.53 36.57
N GLN B 94 19.01 -9.55 37.19
CA GLN B 94 20.21 -9.34 38.01
C GLN B 94 21.34 -10.30 37.72
N SER B 95 21.10 -11.40 37.02
CA SER B 95 22.16 -12.37 36.76
C SER B 95 22.75 -12.17 35.36
N GLY B 96 21.92 -12.03 34.32
CA GLY B 96 22.31 -12.10 32.91
C GLY B 96 22.15 -13.50 32.35
N ALA B 97 22.15 -13.65 31.02
CA ALA B 97 22.00 -14.94 30.37
C ALA B 97 23.34 -15.60 29.99
N GLY B 98 24.48 -14.91 30.12
CA GLY B 98 25.80 -15.47 29.89
C GLY B 98 25.98 -16.08 28.50
N ASN B 99 25.46 -15.42 27.46
CA ASN B 99 25.39 -15.88 26.07
C ASN B 99 24.68 -17.24 25.89
N ASN B 100 23.88 -17.70 26.84
CA ASN B 100 23.24 -19.01 26.80
C ASN B 100 21.71 -18.87 26.59
N TRP B 101 21.18 -19.48 25.52
CA TRP B 101 19.75 -19.52 25.20
C TRP B 101 18.90 -20.17 26.29
N ALA B 102 19.42 -21.15 27.05
CA ALA B 102 18.65 -21.79 28.10
C ALA B 102 18.22 -20.78 29.15
N LYS B 103 19.14 -19.91 29.57
CA LYS B 103 18.89 -18.88 30.57
C LYS B 103 17.82 -17.91 30.08
N GLY B 104 17.92 -17.52 28.82
CA GLY B 104 16.91 -16.67 28.17
C GLY B 104 15.53 -17.33 28.08
N HIS B 105 15.43 -18.62 27.76
CA HIS B 105 14.13 -19.23 27.48
C HIS B 105 13.50 -19.99 28.66
N TYR B 106 14.25 -20.44 29.68
CA TYR B 106 13.70 -21.42 30.61
C TYR B 106 13.92 -21.09 32.07
N THR B 107 15.12 -20.64 32.46
CA THR B 107 15.47 -20.53 33.87
C THR B 107 15.47 -19.11 34.40
N GLU B 108 15.97 -18.14 33.63
CA GLU B 108 16.00 -16.76 34.10
C GLU B 108 15.01 -15.86 33.36
N GLY B 109 14.89 -15.99 32.05
CA GLY B 109 13.94 -15.20 31.26
C GLY B 109 12.50 -15.54 31.60
N ALA B 110 12.21 -16.80 31.93
CA ALA B 110 10.85 -17.21 32.26
C ALA B 110 10.37 -16.55 33.55
N GLU B 111 11.29 -16.24 34.46
CA GLU B 111 10.94 -15.58 35.71
C GLU B 111 10.85 -14.06 35.57
N LEU B 112 11.13 -13.52 34.38
CA LEU B 112 10.98 -12.09 34.12
C LEU B 112 9.97 -11.78 33.04
N VAL B 113 9.45 -12.80 32.35
CA VAL B 113 8.52 -12.56 31.25
C VAL B 113 7.19 -11.99 31.76
N ASP B 114 6.79 -12.36 32.98
CA ASP B 114 5.58 -11.77 33.54
C ASP B 114 5.74 -10.28 33.76
N SER B 115 6.89 -9.85 34.27
CA SER B 115 7.13 -8.45 34.56
C SER B 115 7.23 -7.60 33.30
N VAL B 116 7.54 -8.20 32.15
CA VAL B 116 7.55 -7.47 30.90
C VAL B 116 6.19 -7.51 30.22
N LEU B 117 5.44 -8.60 30.36
CA LEU B 117 4.10 -8.66 29.80
C LEU B 117 3.17 -7.68 30.51
N ASP B 118 3.34 -7.52 31.82
CA ASP B 118 2.52 -6.56 32.56
C ASP B 118 2.77 -5.11 32.14
N VAL B 119 3.93 -4.81 31.58
CA VAL B 119 4.21 -3.47 31.06
C VAL B 119 3.78 -3.33 29.61
N VAL B 120 3.91 -4.38 28.79
CA VAL B 120 3.38 -4.34 27.43
C VAL B 120 1.87 -4.19 27.47
N ARG B 121 1.17 -4.84 28.41
CA ARG B 121 -0.26 -4.59 28.56
C ARG B 121 -0.54 -3.14 28.92
N LYS B 122 0.15 -2.62 29.93
CA LYS B 122 -0.09 -1.26 30.37
C LYS B 122 0.13 -0.26 29.23
N GLU B 123 1.10 -0.49 28.35
CA GLU B 123 1.30 0.31 27.13
C GLU B 123 0.23 0.08 26.04
N SER B 124 -0.33 -1.12 25.97
CA SER B 124 -1.29 -1.46 24.92
C SER B 124 -2.64 -0.77 25.09
N GLU B 125 -3.19 -0.55 26.29
CA GLU B 125 -4.47 0.16 26.37
C GLU B 125 -4.32 1.67 26.46
N SER B 126 -3.09 2.18 26.50
CA SER B 126 -2.86 3.62 26.53
C SER B 126 -2.89 4.23 25.13
N CYS B 127 -3.16 3.43 24.10
CA CYS B 127 -3.14 3.82 22.71
C CYS B 127 -4.52 3.64 22.06
N ASP B 128 -4.84 4.44 21.05
CA ASP B 128 -6.13 4.39 20.38
C ASP B 128 -6.31 3.06 19.63
N CYS B 129 -5.33 2.68 18.80
CA CYS B 129 -5.27 1.37 18.16
C CYS B 129 -3.86 1.08 17.64
N LEU B 130 -3.00 0.46 18.45
CA LEU B 130 -1.69 0.03 17.95
C LEU B 130 -1.86 -0.99 16.83
N GLN B 131 -0.97 -0.94 15.84
CA GLN B 131 -0.98 -1.92 14.75
C GLN B 131 0.17 -2.93 14.79
N GLY B 132 1.24 -2.66 15.53
CA GLY B 132 2.29 -3.66 15.71
C GLY B 132 3.29 -3.37 16.80
N PHE B 133 4.09 -4.38 17.09
CA PHE B 133 5.22 -4.34 18.01
C PHE B 133 6.51 -4.33 17.20
N GLN B 134 7.47 -3.50 17.58
CA GLN B 134 8.83 -3.61 17.04
C GLN B 134 9.75 -4.16 18.13
N LEU B 135 10.39 -5.30 17.89
CA LEU B 135 11.44 -5.85 18.74
C LEU B 135 12.82 -5.57 18.12
N THR B 136 13.73 -5.03 18.90
CA THR B 136 15.11 -4.78 18.48
C THR B 136 16.01 -5.70 19.29
N HIS B 137 16.78 -6.59 18.66
CA HIS B 137 17.54 -7.63 19.38
C HIS B 137 18.68 -8.24 18.53
N SER B 138 19.64 -8.90 19.17
CA SER B 138 20.69 -9.72 18.54
C SER B 138 20.37 -11.21 18.65
N LEU B 139 20.71 -12.00 17.64
CA LEU B 139 20.68 -13.47 17.68
C LEU B 139 21.89 -14.10 18.40
N GLY B 140 22.73 -13.29 19.07
CA GLY B 140 23.96 -13.73 19.72
C GLY B 140 23.80 -14.61 20.96
N GLY B 141 22.74 -14.45 21.78
CA GLY B 141 22.58 -15.16 23.05
C GLY B 141 21.16 -15.13 23.62
N GLY B 142 20.93 -15.77 24.78
CA GLY B 142 19.62 -15.82 25.45
C GLY B 142 18.94 -14.48 25.60
N THR B 143 19.41 -13.61 26.49
CA THR B 143 19.31 -12.15 26.40
C THR B 143 18.30 -11.59 25.38
N GLY B 144 18.69 -11.38 24.12
CA GLY B 144 17.82 -11.01 23.01
C GLY B 144 17.16 -12.22 22.36
N SER B 145 17.91 -13.25 22.05
CA SER B 145 17.50 -14.28 21.10
C SER B 145 16.69 -15.45 21.67
N GLY B 146 16.64 -15.60 22.99
CA GLY B 146 15.89 -16.62 23.72
C GLY B 146 14.89 -16.02 24.71
N MET B 147 15.26 -14.96 25.43
CA MET B 147 14.37 -14.19 26.29
C MET B 147 13.50 -13.26 25.46
N GLY B 148 14.09 -12.39 24.66
CA GLY B 148 13.36 -11.55 23.69
C GLY B 148 12.58 -12.35 22.63
N THR B 149 12.77 -13.65 22.51
CA THR B 149 11.93 -14.51 21.67
C THR B 149 10.90 -15.35 22.40
N LEU B 150 11.13 -15.74 23.66
CA LEU B 150 10.01 -16.16 24.53
C LEU B 150 8.99 -15.02 24.61
N LEU B 151 9.47 -13.79 24.65
CA LEU B 151 8.65 -12.59 24.64
C LEU B 151 7.76 -12.55 23.42
N ILE B 152 8.26 -12.76 22.20
CA ILE B 152 7.39 -12.76 21.03
C ILE B 152 6.43 -13.96 21.02
N SER B 153 6.80 -15.11 21.61
CA SER B 153 5.85 -16.20 21.75
C SER B 153 4.66 -15.77 22.60
N LYS B 154 4.92 -15.17 23.76
CA LYS B 154 3.84 -14.72 24.62
C LYS B 154 3.05 -13.58 24.00
N ILE B 155 3.70 -12.65 23.30
CA ILE B 155 3.03 -11.51 22.66
C ILE B 155 2.10 -11.99 21.57
N ARG B 156 2.55 -12.87 20.69
CA ARG B 156 1.74 -13.53 19.64
C ARG B 156 0.60 -14.30 20.29
N GLU B 157 0.87 -14.93 21.43
CA GLU B 157 -0.14 -15.74 22.12
C GLU B 157 -1.31 -14.89 22.62
N GLU B 158 -1.13 -13.58 22.77
CA GLU B 158 -2.19 -12.71 23.27
C GLU B 158 -2.57 -11.57 22.34
N TYR B 159 -1.72 -11.23 21.37
CA TYR B 159 -2.02 -10.21 20.37
C TYR B 159 -1.76 -10.79 18.98
N PRO B 160 -2.58 -11.76 18.52
CA PRO B 160 -2.33 -12.49 17.27
C PRO B 160 -2.67 -11.68 16.01
N ASP B 161 -3.61 -10.73 16.09
CA ASP B 161 -4.09 -9.96 14.93
C ASP B 161 -3.14 -8.81 14.53
N ARG B 162 -2.31 -8.36 15.48
CA ARG B 162 -1.31 -7.30 15.31
C ARG B 162 -0.10 -7.77 14.48
N ILE B 163 0.77 -6.84 14.10
CA ILE B 163 2.00 -7.11 13.33
C ILE B 163 3.23 -7.24 14.24
N MET B 164 4.04 -8.28 14.08
CA MET B 164 5.32 -8.41 14.77
C MET B 164 6.48 -8.09 13.83
N ASN B 165 7.22 -7.02 14.11
CA ASN B 165 8.48 -6.70 13.45
C ASN B 165 9.64 -6.95 14.42
N THR B 166 10.68 -7.63 13.97
CA THR B 166 11.93 -7.86 14.68
C THR B 166 13.09 -7.44 13.80
N PHE B 167 13.94 -6.56 14.33
CA PHE B 167 15.16 -6.15 13.64
C PHE B 167 16.31 -6.93 14.27
N SER B 168 16.33 -8.21 13.90
CA SER B 168 17.25 -9.25 14.33
C SER B 168 18.65 -9.04 13.73
N VAL B 169 19.61 -8.65 14.56
CA VAL B 169 21.03 -8.73 14.19
C VAL B 169 21.49 -10.20 14.24
N VAL B 170 21.52 -10.84 13.08
CA VAL B 170 22.01 -12.20 12.79
C VAL B 170 23.54 -12.25 12.95
N PRO B 171 24.12 -13.33 13.48
CA PRO B 171 25.57 -13.43 13.61
C PRO B 171 26.28 -13.64 12.28
N SER B 172 27.56 -13.28 12.20
CA SER B 172 28.35 -13.42 11.00
C SER B 172 29.64 -14.17 11.30
N PRO B 173 30.12 -15.03 10.40
CA PRO B 173 31.32 -15.81 10.69
C PRO B 173 32.58 -14.99 10.92
N LYS B 174 32.71 -13.85 10.24
CA LYS B 174 33.95 -13.08 10.28
C LYS B 174 33.97 -12.04 11.37
N VAL B 175 32.96 -11.90 12.23
CA VAL B 175 32.94 -10.85 13.29
C VAL B 175 32.89 -11.41 14.71
N SER B 176 32.43 -12.63 14.91
CA SER B 176 32.03 -13.17 16.22
C SER B 176 33.13 -13.15 17.29
N ASP B 177 32.79 -12.64 18.49
CA ASP B 177 33.42 -13.04 19.76
C ASP B 177 32.37 -13.62 20.73
N THR B 178 31.60 -14.58 20.23
CA THR B 178 31.00 -15.63 21.07
C THR B 178 31.22 -16.95 20.34
N VAL B 179 31.55 -18.03 21.04
CA VAL B 179 31.70 -19.32 20.38
C VAL B 179 30.40 -20.09 20.30
N VAL B 180 29.34 -19.66 20.99
CA VAL B 180 28.04 -20.37 21.03
C VAL B 180 26.99 -19.76 20.09
N GLU B 181 27.33 -18.69 19.35
CA GLU B 181 26.44 -18.08 18.36
C GLU B 181 25.73 -19.07 17.44
N PRO B 182 26.36 -20.13 16.90
CA PRO B 182 25.60 -21.09 16.08
C PRO B 182 24.48 -21.78 16.82
N TYR B 183 24.63 -22.05 18.10
CA TYR B 183 23.54 -22.67 18.85
C TYR B 183 22.40 -21.69 19.08
N ASN B 184 22.74 -20.46 19.49
CA ASN B 184 21.77 -19.42 19.82
C ASN B 184 20.98 -18.99 18.59
N ALA B 185 21.63 -18.69 17.46
CA ALA B 185 20.95 -18.36 16.22
C ALA B 185 20.05 -19.50 15.75
N THR B 186 20.52 -20.74 15.75
CA THR B 186 19.71 -21.86 15.27
C THR B 186 18.50 -22.08 16.15
N LEU B 187 18.64 -21.90 17.47
CA LEU B 187 17.49 -22.07 18.35
C LEU B 187 16.48 -20.95 18.17
N SER B 188 16.97 -19.74 17.91
CA SER B 188 16.15 -18.54 17.75
C SER B 188 15.34 -18.57 16.47
N VAL B 189 15.99 -18.83 15.34
CA VAL B 189 15.32 -18.93 14.04
C VAL B 189 14.33 -20.09 14.02
N HIS B 190 14.50 -21.11 14.88
CA HIS B 190 13.51 -22.18 14.99
C HIS B 190 12.12 -21.65 15.28
N GLN B 191 11.97 -20.72 16.23
CA GLN B 191 10.67 -20.16 16.60
C GLN B 191 10.36 -18.84 15.87
N LEU B 192 11.36 -18.16 15.32
CA LEU B 192 11.20 -16.86 14.64
C LEU B 192 10.37 -17.00 13.35
N VAL B 193 10.37 -18.20 12.75
CA VAL B 193 9.58 -18.55 11.57
C VAL B 193 8.09 -18.63 11.91
N GLU B 194 7.73 -19.04 13.12
CA GLU B 194 6.33 -19.18 13.51
C GLU B 194 5.74 -17.88 14.08
N ASN B 195 6.55 -17.11 14.79
CA ASN B 195 6.06 -16.08 15.70
C ASN B 195 6.21 -14.64 15.18
N THR B 196 6.60 -14.42 13.91
CA THR B 196 6.92 -13.09 13.39
C THR B 196 6.22 -12.79 12.07
N ASP B 197 5.77 -11.56 11.85
CA ASP B 197 5.17 -11.17 10.58
C ASP B 197 6.22 -10.84 9.53
N GLU B 198 7.30 -10.18 9.92
CA GLU B 198 8.42 -9.88 9.03
C GLU B 198 9.67 -9.65 9.88
N THR B 199 10.79 -10.21 9.43
CA THR B 199 12.07 -10.24 10.13
C THR B 199 13.14 -9.59 9.28
N TYR B 200 13.80 -8.52 9.74
CA TYR B 200 14.86 -7.88 8.97
C TYR B 200 16.20 -8.40 9.46
N CYS B 201 16.86 -9.24 8.68
CA CYS B 201 18.17 -9.75 9.02
C CYS B 201 19.23 -8.69 8.75
N ILE B 202 19.96 -8.33 9.79
CA ILE B 202 21.15 -7.48 9.72
C ILE B 202 22.29 -8.29 10.31
N ASP B 203 23.52 -8.10 9.87
CA ASP B 203 24.73 -8.59 10.52
C ASP B 203 25.79 -7.48 10.52
N ASN B 204 26.69 -7.53 11.49
CA ASN B 204 27.62 -6.44 11.73
C ASN B 204 28.71 -6.36 10.65
N GLU B 205 29.05 -7.47 9.99
CA GLU B 205 30.06 -7.46 8.93
C GLU B 205 29.66 -6.55 7.77
N ALA B 206 28.41 -6.58 7.33
CA ALA B 206 27.94 -5.69 6.29
C ALA B 206 27.96 -4.23 6.75
N LEU B 207 27.50 -3.94 7.96
CA LEU B 207 27.52 -2.58 8.48
C LEU B 207 28.96 -2.05 8.64
N TYR B 208 29.92 -2.90 8.99
CA TYR B 208 31.33 -2.54 8.94
C TYR B 208 31.80 -2.26 7.51
N ASP B 209 31.51 -3.12 6.54
CA ASP B 209 31.88 -2.87 5.14
C ASP B 209 31.32 -1.54 4.62
N ILE B 210 30.07 -1.24 4.90
CA ILE B 210 29.44 0.04 4.55
C ILE B 210 30.20 1.21 5.19
N CYS B 211 30.65 1.07 6.44
CA CYS B 211 31.46 2.12 7.07
C CYS B 211 32.85 2.24 6.42
N PHE B 212 33.51 1.12 6.12
CA PHE B 212 34.84 1.12 5.51
C PHE B 212 34.83 1.69 4.09
N ARG B 213 33.99 1.17 3.19
CA ARG B 213 34.06 1.52 1.75
C ARG B 213 32.93 2.38 1.21
N THR B 214 31.99 2.84 2.04
CA THR B 214 30.96 3.82 1.62
C THR B 214 31.05 5.12 2.42
N LEU B 215 31.14 5.09 3.75
CA LEU B 215 31.31 6.32 4.56
C LEU B 215 32.79 6.74 4.73
N LYS B 216 33.74 5.87 4.38
CA LYS B 216 35.19 6.07 4.53
C LYS B 216 35.61 6.36 5.97
N LEU B 217 35.13 5.53 6.90
CA LEU B 217 35.57 5.50 8.30
C LEU B 217 36.47 4.28 8.50
N THR B 218 37.68 4.45 9.04
CA THR B 218 38.62 3.35 9.28
C THR B 218 38.46 2.67 10.65
N THR B 219 37.79 3.33 11.60
CA THR B 219 37.54 2.80 12.96
C THR B 219 36.07 2.96 13.37
N PRO B 220 35.14 2.24 12.71
CA PRO B 220 33.71 2.32 12.99
C PRO B 220 33.32 1.62 14.28
N THR B 221 32.83 2.40 15.24
CA THR B 221 32.34 1.95 16.54
C THR B 221 30.87 1.51 16.43
N TYR B 222 30.37 0.78 17.42
CA TYR B 222 28.96 0.39 17.43
C TYR B 222 28.06 1.62 17.42
N GLY B 223 28.48 2.78 17.96
CA GLY B 223 27.65 3.97 17.82
C GLY B 223 27.41 4.32 16.36
N ASP B 224 28.40 4.10 15.48
CA ASP B 224 28.28 4.31 14.03
C ASP B 224 27.48 3.22 13.34
N LEU B 225 27.62 1.93 13.70
CA LEU B 225 26.82 0.89 13.07
C LEU B 225 25.33 1.05 13.41
N ASN B 226 25.03 1.44 14.65
CA ASN B 226 23.67 1.62 15.13
C ASN B 226 22.98 2.77 14.42
N HIS B 227 23.73 3.75 13.92
CA HIS B 227 23.15 4.86 13.16
C HIS B 227 22.43 4.36 11.92
N LEU B 228 23.04 3.43 11.19
CA LEU B 228 22.53 2.90 9.94
C LEU B 228 21.23 2.11 10.17
N VAL B 229 21.21 1.21 11.14
CA VAL B 229 19.99 0.46 11.45
C VAL B 229 18.92 1.37 12.06
N SER B 230 19.25 2.41 12.83
CA SER B 230 18.22 3.34 13.28
C SER B 230 17.64 4.12 12.12
N ALA B 231 18.42 4.49 11.11
CA ALA B 231 17.95 5.20 9.93
C ALA B 231 17.05 4.33 9.06
N THR B 232 17.36 3.03 8.98
CA THR B 232 16.48 2.02 8.39
C THR B 232 15.17 1.89 9.15
N MET B 233 15.21 1.78 10.48
CA MET B 233 14.02 1.68 11.32
C MET B 233 13.14 2.92 11.16
N SER B 234 13.74 4.12 11.08
CA SER B 234 12.95 5.33 10.86
C SER B 234 12.33 5.33 9.47
N GLY B 235 13.10 4.94 8.46
CA GLY B 235 12.66 4.92 7.08
C GLY B 235 11.50 3.97 6.86
N VAL B 236 11.52 2.79 7.47
CA VAL B 236 10.48 1.79 7.23
C VAL B 236 9.16 2.17 7.89
N THR B 237 9.18 3.08 8.86
CA THR B 237 8.02 3.47 9.66
C THR B 237 7.69 4.94 9.47
N THR B 238 8.37 5.64 8.55
CA THR B 238 8.14 7.06 8.37
C THR B 238 6.84 7.38 7.64
N CYS B 239 6.22 6.39 7.00
CA CYS B 239 5.03 6.67 6.23
C CYS B 239 3.84 6.98 7.12
N LEU B 240 3.68 6.27 8.23
CA LEU B 240 2.58 6.52 9.16
C LEU B 240 2.90 7.66 10.15
N ARG B 241 3.89 8.50 9.87
CA ARG B 241 4.25 9.62 10.73
C ARG B 241 4.20 10.95 10.02
N PHE B 242 4.13 10.95 8.69
CA PHE B 242 4.20 12.17 7.89
C PHE B 242 3.35 11.97 6.66
N PRO B 243 2.75 13.04 6.12
CA PRO B 243 2.00 12.90 4.87
C PRO B 243 2.92 12.52 3.72
N GLY B 244 2.37 11.74 2.80
CA GLY B 244 3.12 11.33 1.62
C GLY B 244 2.22 11.29 0.40
N GLN B 245 2.86 11.42 -0.76
CA GLN B 245 2.16 11.38 -2.04
C GLN B 245 1.71 9.96 -2.38
N LEU B 246 2.49 8.95 -1.99
CA LEU B 246 2.04 7.56 -2.01
C LEU B 246 2.29 6.98 -0.63
N ASN B 247 1.35 6.21 -0.05
CA ASN B 247 1.47 5.69 1.33
C ASN B 247 1.75 4.18 1.46
N ALA B 248 2.81 3.81 2.18
CA ALA B 248 3.00 2.54 2.89
C ALA B 248 2.43 2.55 4.33
N ASP B 249 2.51 1.40 4.99
CA ASP B 249 2.02 1.07 6.33
C ASP B 249 2.65 -0.29 6.69
N LEU B 250 2.74 -0.72 7.95
CA LEU B 250 3.35 -2.02 8.24
C LEU B 250 2.56 -3.17 7.59
N ARG B 251 1.23 -3.14 7.64
CA ARG B 251 0.39 -4.16 7.02
C ARG B 251 0.49 -4.09 5.51
N LYS B 252 0.67 -2.90 4.94
CA LYS B 252 0.89 -2.74 3.50
C LYS B 252 2.15 -3.47 3.05
N LEU B 253 3.27 -3.24 3.75
CA LEU B 253 4.51 -3.91 3.40
C LEU B 253 4.39 -5.42 3.61
N ALA B 254 3.69 -5.89 4.63
CA ALA B 254 3.51 -7.32 4.85
C ALA B 254 2.87 -8.01 3.62
N VAL B 255 1.70 -7.58 3.17
CA VAL B 255 1.01 -8.25 2.05
C VAL B 255 1.69 -8.02 0.70
N ASN B 256 2.33 -6.87 0.48
CA ASN B 256 3.06 -6.66 -0.76
C ASN B 256 4.35 -7.48 -0.85
N MET B 257 4.89 -7.99 0.25
CA MET B 257 6.20 -8.59 0.23
C MET B 257 6.34 -10.02 0.74
N VAL B 258 5.44 -10.53 1.57
CA VAL B 258 5.46 -11.93 2.01
C VAL B 258 4.57 -12.76 1.08
N PRO B 259 5.11 -13.49 0.08
CA PRO B 259 4.29 -14.24 -0.87
C PRO B 259 3.69 -15.50 -0.25
N PHE B 260 4.48 -16.25 0.52
CA PHE B 260 4.04 -17.42 1.27
C PHE B 260 4.38 -17.21 2.76
N PRO B 261 3.60 -17.66 3.75
CA PRO B 261 3.75 -17.21 5.14
C PRO B 261 5.14 -17.39 5.75
N ARG B 262 5.89 -18.40 5.31
CA ARG B 262 7.23 -18.74 5.82
C ARG B 262 8.34 -17.81 5.29
N LEU B 263 8.13 -17.21 4.14
CA LEU B 263 9.15 -16.45 3.40
C LEU B 263 9.10 -14.97 3.76
N HIS B 264 9.35 -14.64 5.03
CA HIS B 264 9.24 -13.27 5.57
C HIS B 264 10.55 -12.72 6.16
N PHE B 265 11.68 -13.22 5.67
CA PHE B 265 13.01 -12.74 6.07
C PHE B 265 13.53 -11.77 5.03
N PHE B 266 13.94 -10.58 5.46
CA PHE B 266 14.21 -9.48 4.56
C PHE B 266 15.61 -8.94 4.79
N MET B 267 16.22 -8.34 3.78
CA MET B 267 17.50 -7.64 3.90
C MET B 267 17.30 -6.16 3.57
N PRO B 268 17.57 -5.25 4.51
CA PRO B 268 17.51 -3.82 4.25
C PRO B 268 18.69 -3.26 3.46
N GLY B 269 18.51 -2.06 2.93
CA GLY B 269 19.55 -1.18 2.45
C GLY B 269 19.11 0.27 2.61
N PHE B 270 20.04 1.22 2.65
CA PHE B 270 19.73 2.65 2.76
C PHE B 270 20.49 3.43 1.70
N ALA B 271 19.85 4.39 1.04
CA ALA B 271 20.34 4.87 -0.25
C ALA B 271 21.38 6.00 -0.21
N PRO B 272 21.16 7.16 0.41
CA PRO B 272 22.10 8.28 0.34
C PRO B 272 23.26 8.14 1.34
N LEU B 273 23.84 6.96 1.47
CA LEU B 273 25.07 6.79 2.27
C LEU B 273 26.26 7.38 1.52
N THR B 274 26.91 8.37 2.13
CA THR B 274 28.02 9.12 1.54
C THR B 274 29.00 9.54 2.61
N SER B 275 30.28 9.63 2.28
CA SER B 275 31.26 10.25 3.17
C SER B 275 31.03 11.76 3.26
N ARG B 276 31.42 12.37 4.38
CA ARG B 276 31.26 13.80 4.66
C ARG B 276 31.96 14.71 3.65
N GLY B 277 33.04 14.24 3.04
CA GLY B 277 33.77 14.91 1.97
C GLY B 277 33.18 14.67 0.59
N SER B 278 33.07 13.40 0.17
CA SER B 278 32.66 13.05 -1.20
C SER B 278 31.20 13.39 -1.54
N GLN B 279 30.38 13.77 -0.55
CA GLN B 279 28.99 14.19 -0.76
C GLN B 279 28.81 15.35 -1.76
N GLN B 280 29.76 16.30 -1.85
CA GLN B 280 29.63 17.42 -2.81
C GLN B 280 29.99 17.04 -4.25
N TYR B 281 30.54 15.85 -4.48
CA TYR B 281 30.95 15.35 -5.80
C TYR B 281 29.90 14.42 -6.44
N ARG B 282 28.64 14.49 -5.99
CA ARG B 282 27.55 13.58 -6.39
C ARG B 282 26.20 14.29 -6.44
N ALA B 283 25.30 13.82 -7.30
CA ALA B 283 23.96 14.37 -7.46
C ALA B 283 22.97 13.86 -6.40
N LEU B 284 22.10 14.75 -5.91
CA LEU B 284 20.99 14.43 -5.00
C LEU B 284 19.77 13.88 -5.77
N THR B 285 19.98 12.80 -6.55
CA THR B 285 19.01 12.36 -7.57
C THR B 285 18.55 10.92 -7.42
N VAL B 286 17.28 10.69 -7.72
CA VAL B 286 16.59 9.40 -7.61
C VAL B 286 17.27 8.28 -8.40
N PRO B 287 17.75 8.48 -9.63
CA PRO B 287 18.56 7.48 -10.31
C PRO B 287 19.75 6.98 -9.50
N GLU B 288 20.47 7.89 -8.86
CA GLU B 288 21.63 7.52 -8.05
C GLU B 288 21.22 6.73 -6.81
N LEU B 289 20.18 7.17 -6.09
CA LEU B 289 19.62 6.41 -4.96
C LEU B 289 19.21 5.01 -5.38
N THR B 290 18.45 4.88 -6.46
CA THR B 290 17.88 3.61 -6.88
C THR B 290 18.96 2.63 -7.28
N GLN B 291 19.99 3.06 -8.01
CA GLN B 291 21.11 2.18 -8.35
C GLN B 291 21.89 1.79 -7.10
N GLN B 292 22.09 2.71 -6.16
CA GLN B 292 22.79 2.39 -4.91
C GLN B 292 22.04 1.34 -4.08
N MET B 293 20.72 1.42 -3.97
CA MET B 293 19.92 0.43 -3.22
C MET B 293 20.07 -1.00 -3.73
N PHE B 294 20.28 -1.20 -5.03
CA PHE B 294 20.45 -2.53 -5.62
C PHE B 294 21.90 -3.00 -5.70
N ASP B 295 22.87 -2.18 -5.29
CA ASP B 295 24.28 -2.57 -5.29
C ASP B 295 24.57 -3.62 -4.21
N ALA B 296 25.15 -4.77 -4.59
CA ALA B 296 25.49 -5.84 -3.66
C ALA B 296 26.42 -5.39 -2.52
N LYS B 297 27.20 -4.31 -2.66
CA LYS B 297 28.02 -3.76 -1.57
C LYS B 297 27.20 -3.05 -0.49
N ASN B 298 25.98 -2.62 -0.81
CA ASN B 298 25.20 -1.71 0.05
C ASN B 298 24.16 -2.44 0.92
N MET B 299 23.96 -3.75 0.72
CA MET B 299 23.02 -4.55 1.50
C MET B 299 23.48 -4.71 2.95
N MET B 300 22.57 -4.62 3.91
CA MET B 300 22.87 -4.76 5.34
C MET B 300 22.94 -6.22 5.82
N ALA B 301 23.10 -7.17 4.93
CA ALA B 301 23.40 -8.57 5.23
C ALA B 301 24.57 -9.03 4.37
N ALA B 302 25.37 -9.99 4.83
CA ALA B 302 26.56 -10.43 4.10
C ALA B 302 26.23 -11.18 2.83
N CYS B 303 25.04 -11.74 2.67
CA CYS B 303 24.66 -12.36 1.42
C CYS B 303 24.48 -11.31 0.32
N ASP B 304 24.95 -11.57 -0.89
CA ASP B 304 24.76 -10.70 -2.04
C ASP B 304 23.58 -11.18 -2.90
N PRO B 305 22.71 -10.27 -3.36
CA PRO B 305 21.53 -10.63 -4.13
C PRO B 305 21.90 -11.27 -5.46
N ARG B 306 23.14 -11.08 -5.91
CA ARG B 306 23.74 -11.63 -7.13
C ARG B 306 23.57 -13.13 -7.29
N HIS B 307 23.71 -13.89 -6.20
CA HIS B 307 23.57 -15.34 -6.21
C HIS B 307 22.13 -15.79 -6.04
N GLY B 308 21.21 -14.86 -5.76
CA GLY B 308 19.82 -15.19 -5.54
C GLY B 308 18.89 -14.47 -6.50
N ARG B 309 17.60 -14.69 -6.28
CA ARG B 309 16.56 -14.11 -7.12
C ARG B 309 15.60 -13.33 -6.24
N TYR B 310 15.40 -12.03 -6.50
CA TYR B 310 14.44 -11.22 -5.77
C TYR B 310 13.02 -11.74 -5.97
N LEU B 311 12.30 -11.93 -4.88
CA LEU B 311 10.88 -12.31 -4.91
C LEU B 311 9.99 -11.06 -4.94
N THR B 312 10.28 -10.11 -4.07
CA THR B 312 9.55 -8.86 -3.88
C THR B 312 10.52 -7.78 -3.40
N VAL B 313 10.21 -6.52 -3.58
CA VAL B 313 11.04 -5.41 -3.19
C VAL B 313 10.10 -4.33 -2.73
N ALA B 314 10.49 -3.60 -1.73
CA ALA B 314 9.86 -2.35 -1.29
C ALA B 314 10.91 -1.25 -1.28
N ALA B 315 10.52 -0.06 -1.74
CA ALA B 315 11.38 1.10 -1.78
C ALA B 315 10.58 2.28 -1.27
N VAL B 316 10.85 2.71 -0.04
CA VAL B 316 10.13 3.81 0.58
C VAL B 316 11.03 5.04 0.49
N PHE B 317 10.68 5.99 -0.36
CA PHE B 317 11.42 7.22 -0.54
C PHE B 317 10.92 8.32 0.39
N ARG B 318 11.81 9.23 0.78
CA ARG B 318 11.47 10.37 1.61
C ARG B 318 11.97 11.64 0.95
N GLY B 319 11.09 12.58 0.65
CA GLY B 319 11.48 13.87 0.09
C GLY B 319 10.44 14.38 -0.89
N ARG B 320 10.68 15.60 -1.38
CA ARG B 320 9.83 16.21 -2.40
C ARG B 320 10.19 15.63 -3.76
N MET B 321 9.54 14.53 -4.09
CA MET B 321 9.93 13.69 -5.22
C MET B 321 8.78 13.56 -6.22
N SER B 322 9.09 13.17 -7.46
CA SER B 322 8.09 12.97 -8.52
C SER B 322 7.91 11.49 -8.87
N MET B 323 6.69 10.97 -8.83
CA MET B 323 6.45 9.54 -9.05
C MET B 323 6.93 9.04 -10.41
N LYS B 324 6.87 9.85 -11.47
CA LYS B 324 7.37 9.43 -12.79
C LYS B 324 8.84 9.04 -12.74
N GLU B 325 9.67 9.76 -11.97
CA GLU B 325 11.07 9.39 -11.77
C GLU B 325 11.20 8.03 -11.12
N VAL B 326 10.50 7.80 -10.02
CA VAL B 326 10.59 6.52 -9.30
C VAL B 326 10.14 5.38 -10.20
N ASP B 327 9.05 5.59 -10.93
CA ASP B 327 8.45 4.60 -11.81
C ASP B 327 9.39 4.19 -12.94
N GLU B 328 10.02 5.15 -13.62
CA GLU B 328 10.99 4.81 -14.66
C GLU B 328 12.28 4.21 -14.08
N GLN B 329 12.72 4.60 -12.87
CA GLN B 329 13.94 4.01 -12.31
C GLN B 329 13.69 2.57 -11.88
N MET B 330 12.52 2.29 -11.33
CA MET B 330 12.09 0.94 -10.96
C MET B 330 11.99 0.04 -12.17
N LEU B 331 11.45 0.53 -13.28
CA LEU B 331 11.41 -0.23 -14.52
C LEU B 331 12.81 -0.43 -15.09
N ASN B 332 13.64 0.62 -15.02
CA ASN B 332 15.04 0.51 -15.42
C ASN B 332 15.74 -0.62 -14.69
N VAL B 333 15.63 -0.66 -13.36
CA VAL B 333 16.27 -1.70 -12.57
C VAL B 333 15.70 -3.05 -12.93
N GLN B 334 14.38 -3.20 -12.99
CA GLN B 334 13.79 -4.51 -13.17
C GLN B 334 14.05 -5.07 -14.57
N ASN B 335 14.25 -4.20 -15.55
CA ASN B 335 14.41 -4.65 -16.93
C ASN B 335 15.83 -5.13 -17.23
N LYS B 336 16.82 -4.26 -16.97
CA LYS B 336 18.20 -4.61 -17.27
C LYS B 336 18.87 -5.43 -16.18
N ASN B 337 18.20 -5.70 -15.07
CA ASN B 337 18.62 -6.71 -14.09
C ASN B 337 17.59 -7.83 -14.03
N SER B 338 16.91 -8.12 -15.13
CA SER B 338 15.79 -9.06 -15.14
C SER B 338 16.19 -10.45 -14.68
N SER B 339 17.45 -10.84 -14.89
CA SER B 339 17.90 -12.14 -14.40
C SER B 339 17.91 -12.21 -12.88
N TYR B 340 17.83 -11.08 -12.21
CA TYR B 340 17.93 -11.02 -10.76
C TYR B 340 16.58 -10.95 -10.06
N PHE B 341 15.48 -10.95 -10.81
CA PHE B 341 14.11 -10.93 -10.30
C PHE B 341 13.37 -12.20 -10.70
N VAL B 342 12.52 -12.72 -9.82
CA VAL B 342 11.82 -13.99 -10.07
C VAL B 342 10.87 -13.86 -11.27
N GLU B 343 10.69 -14.91 -12.08
CA GLU B 343 9.89 -14.80 -13.32
C GLU B 343 8.37 -14.87 -13.08
N TRP B 344 7.90 -15.69 -12.14
CA TRP B 344 6.47 -15.88 -11.88
C TRP B 344 5.81 -14.77 -11.04
N ILE B 345 6.54 -13.70 -10.73
CA ILE B 345 5.95 -12.43 -10.28
C ILE B 345 6.26 -11.36 -11.35
N PRO B 346 5.27 -10.75 -12.00
CA PRO B 346 5.51 -9.73 -13.03
C PRO B 346 6.04 -8.43 -12.48
N ASN B 347 5.41 -7.89 -11.44
CA ASN B 347 5.89 -6.68 -10.78
C ASN B 347 6.43 -7.02 -9.41
N ASN B 348 7.71 -6.72 -9.19
CA ASN B 348 8.38 -7.10 -7.94
C ASN B 348 8.56 -5.96 -6.97
N VAL B 349 8.30 -4.72 -7.37
CA VAL B 349 8.59 -3.56 -6.54
C VAL B 349 7.31 -2.96 -5.99
N LYS B 350 7.35 -2.55 -4.73
CA LYS B 350 6.30 -1.80 -4.08
C LYS B 350 6.88 -0.45 -3.64
N THR B 351 6.20 0.63 -4.00
CA THR B 351 6.75 1.97 -3.87
C THR B 351 5.95 2.78 -2.85
N ALA B 352 6.66 3.61 -2.09
CA ALA B 352 6.04 4.60 -1.23
C ALA B 352 6.90 5.86 -1.23
N VAL B 353 6.25 7.01 -1.21
CA VAL B 353 6.93 8.29 -1.25
C VAL B 353 6.42 9.15 -0.10
N CYS B 354 7.33 9.68 0.70
CA CYS B 354 6.99 10.54 1.83
C CYS B 354 7.59 11.92 1.63
N ASP B 355 6.79 12.95 1.91
CA ASP B 355 7.16 14.32 1.60
C ASP B 355 8.17 14.91 2.57
N ILE B 356 8.36 14.33 3.74
CA ILE B 356 9.27 14.86 4.75
C ILE B 356 10.52 13.98 4.76
N PRO B 357 11.68 14.51 4.37
CA PRO B 357 12.88 13.68 4.28
C PRO B 357 13.61 13.66 5.60
N PRO B 358 14.64 12.80 5.77
CA PRO B 358 15.50 12.82 6.93
C PRO B 358 16.18 14.17 7.06
N ARG B 359 16.63 14.50 8.27
CA ARG B 359 17.37 15.74 8.49
C ARG B 359 18.67 15.73 7.69
N GLY B 360 19.03 16.89 7.17
CA GLY B 360 20.28 17.09 6.47
C GLY B 360 20.27 16.65 5.02
N LEU B 361 19.39 15.74 4.57
CA LEU B 361 19.34 15.30 3.16
C LEU B 361 18.04 15.72 2.46
N LYS B 362 18.13 15.96 1.15
CA LYS B 362 16.96 16.29 0.31
C LYS B 362 16.13 15.07 -0.07
N MET B 363 16.77 13.95 -0.29
CA MET B 363 16.12 12.71 -0.70
C MET B 363 16.79 11.54 -0.01
N SER B 364 16.01 10.52 0.33
CA SER B 364 16.54 9.25 0.81
C SER B 364 15.62 8.12 0.42
N ALA B 365 16.09 6.89 0.47
CA ALA B 365 15.26 5.72 0.28
C ALA B 365 15.71 4.58 1.17
N THR B 366 14.75 3.82 1.71
CA THR B 366 15.03 2.54 2.37
C THR B 366 14.54 1.43 1.46
N PHE B 367 15.41 0.50 1.15
CA PHE B 367 15.10 -0.67 0.36
C PHE B 367 14.86 -1.85 1.28
N ILE B 368 13.85 -2.65 1.02
CA ILE B 368 13.66 -3.96 1.64
C ILE B 368 13.46 -4.99 0.53
N GLY B 369 14.31 -6.01 0.41
CA GLY B 369 14.20 -6.99 -0.65
C GLY B 369 14.09 -8.41 -0.13
N ASN B 370 12.99 -9.09 -0.43
CA ASN B 370 12.83 -10.50 -0.13
C ASN B 370 13.54 -11.24 -1.25
N SER B 371 14.53 -12.07 -0.97
CA SER B 371 15.21 -12.78 -2.05
C SER B 371 15.69 -14.16 -1.63
N THR B 372 15.77 -15.07 -2.58
CA THR B 372 16.38 -16.38 -2.37
C THR B 372 17.89 -16.28 -2.12
N ALA B 373 18.49 -15.08 -2.10
CA ALA B 373 19.84 -14.89 -1.61
C ALA B 373 19.95 -14.99 -0.08
N ILE B 374 18.87 -14.85 0.69
CA ILE B 374 19.02 -14.89 2.16
C ILE B 374 19.39 -16.27 2.68
N GLN B 375 19.02 -17.35 2.00
CA GLN B 375 19.23 -18.70 2.50
C GLN B 375 20.70 -19.13 2.53
N GLU B 376 21.63 -18.49 1.83
CA GLU B 376 23.03 -18.89 1.95
C GLU B 376 23.61 -18.52 3.31
N LEU B 377 23.19 -17.39 3.87
CA LEU B 377 23.57 -17.06 5.24
C LEU B 377 23.05 -18.11 6.21
N PHE B 378 21.82 -18.55 6.05
CA PHE B 378 21.26 -19.60 6.89
C PHE B 378 22.02 -20.91 6.71
N LYS B 379 22.46 -21.25 5.49
CA LYS B 379 23.35 -22.39 5.24
C LYS B 379 24.67 -22.26 5.98
N ARG B 380 25.30 -21.08 6.05
CA ARG B 380 26.54 -20.92 6.81
C ARG B 380 26.29 -21.10 8.29
N ILE B 381 25.20 -20.54 8.81
CA ILE B 381 24.87 -20.74 10.23
C ILE B 381 24.63 -22.22 10.51
N SER B 382 23.89 -22.91 9.66
CA SER B 382 23.61 -24.34 9.83
C SER B 382 24.89 -25.19 9.72
N GLU B 383 25.84 -24.80 8.86
CA GLU B 383 27.11 -25.51 8.76
C GLU B 383 27.94 -25.33 10.02
N GLN B 384 27.99 -24.10 10.55
CA GLN B 384 28.70 -23.88 11.80
C GLN B 384 28.04 -24.62 12.95
N PHE B 385 26.71 -24.66 12.96
CA PHE B 385 25.99 -25.36 14.02
C PHE B 385 26.27 -26.86 13.99
N THR B 386 26.16 -27.48 12.81
CA THR B 386 26.33 -28.92 12.72
C THR B 386 27.77 -29.36 12.94
N ALA B 387 28.73 -28.46 12.75
CA ALA B 387 30.12 -28.80 13.06
C ALA B 387 30.31 -28.96 14.56
N MET B 388 29.73 -28.06 15.35
CA MET B 388 29.86 -28.16 16.80
C MET B 388 28.93 -29.22 17.36
N PHE B 389 27.74 -29.37 16.78
CA PHE B 389 26.75 -30.25 17.37
C PHE B 389 27.13 -31.72 17.23
N ARG B 390 27.83 -32.09 16.16
CA ARG B 390 28.24 -33.49 16.01
C ARG B 390 29.20 -33.92 17.10
N ARG B 391 29.96 -33.00 17.67
CA ARG B 391 30.83 -33.29 18.80
C ARG B 391 30.17 -33.03 20.14
N LYS B 392 28.92 -32.55 20.14
CA LYS B 392 28.21 -32.19 21.36
C LYS B 392 28.97 -31.15 22.19
N ALA B 393 29.70 -30.28 21.50
CA ALA B 393 30.46 -29.25 22.20
C ALA B 393 29.52 -28.23 22.84
N PHE B 394 29.86 -27.82 24.06
CA PHE B 394 29.10 -26.83 24.84
C PHE B 394 27.67 -27.27 25.10
N LEU B 395 27.32 -28.51 24.79
CA LEU B 395 25.94 -28.96 24.88
C LEU B 395 25.47 -29.07 26.33
N HIS B 396 26.39 -29.31 27.27
CA HIS B 396 26.00 -29.50 28.67
C HIS B 396 25.39 -28.22 29.23
N TRP B 397 25.87 -27.06 28.81
CA TRP B 397 25.36 -25.79 29.32
C TRP B 397 23.86 -25.66 29.04
N TYR B 398 23.42 -26.05 27.84
CA TYR B 398 22.02 -25.99 27.50
C TYR B 398 21.24 -27.18 28.05
N THR B 399 21.85 -28.38 28.05
CA THR B 399 21.16 -29.57 28.52
C THR B 399 20.82 -29.47 29.99
N GLY B 400 21.74 -28.94 30.80
CA GLY B 400 21.50 -28.86 32.23
C GLY B 400 20.53 -27.78 32.65
N GLU B 401 19.90 -27.10 31.69
CA GLU B 401 18.94 -26.05 32.01
C GLU B 401 17.62 -26.19 31.26
N GLY B 402 17.35 -27.35 30.67
CA GLY B 402 16.02 -27.60 30.15
C GLY B 402 15.89 -28.29 28.80
N MET B 403 16.79 -28.03 27.86
CA MET B 403 16.69 -28.70 26.57
C MET B 403 17.21 -30.13 26.64
N ASP B 404 16.75 -30.94 25.70
CA ASP B 404 17.31 -32.26 25.44
C ASP B 404 17.98 -32.25 24.08
N GLU B 405 18.57 -33.39 23.71
CA GLU B 405 19.16 -33.51 22.38
C GLU B 405 18.11 -33.43 21.29
N MET B 406 16.83 -33.62 21.63
CA MET B 406 15.77 -33.56 20.64
C MET B 406 15.56 -32.15 20.12
N GLU B 407 15.62 -31.14 21.01
CA GLU B 407 15.31 -29.78 20.61
C GLU B 407 16.31 -29.25 19.58
N PHE B 408 17.60 -29.54 19.77
CA PHE B 408 18.59 -29.11 18.80
C PHE B 408 18.35 -29.74 17.44
N THR B 409 18.03 -31.04 17.43
CA THR B 409 17.74 -31.71 16.17
C THR B 409 16.51 -31.12 15.50
N GLU B 410 15.49 -30.79 16.29
CA GLU B 410 14.30 -30.17 15.74
C GLU B 410 14.61 -28.81 15.12
N ALA B 411 15.41 -28.00 15.82
CA ALA B 411 15.79 -26.70 15.30
C ALA B 411 16.56 -26.85 14.00
N GLU B 412 17.56 -27.73 13.91
CA GLU B 412 18.36 -27.89 12.69
C GLU B 412 17.52 -28.42 11.52
N SER B 413 16.61 -29.38 11.74
CA SER B 413 15.72 -29.81 10.66
C SER B 413 14.85 -28.66 10.16
N ASN B 414 14.32 -27.83 11.05
CA ASN B 414 13.39 -26.77 10.64
C ASN B 414 14.10 -25.58 9.99
N MET B 415 15.35 -25.28 10.37
CA MET B 415 16.16 -24.31 9.62
C MET B 415 16.65 -24.88 8.29
N ASN B 416 16.94 -26.19 8.19
CA ASN B 416 17.20 -26.85 6.92
C ASN B 416 15.96 -26.79 5.99
N ASP B 417 14.77 -26.97 6.54
CA ASP B 417 13.53 -26.77 5.80
C ASP B 417 13.36 -25.32 5.32
N LEU B 418 13.68 -24.31 6.13
CA LEU B 418 13.64 -22.91 5.70
C LEU B 418 14.56 -22.63 4.51
N VAL B 419 15.80 -23.14 4.48
CA VAL B 419 16.67 -22.95 3.31
C VAL B 419 16.20 -23.75 2.11
N SER B 420 15.65 -24.95 2.32
CA SER B 420 15.01 -25.74 1.26
C SER B 420 13.81 -25.01 0.63
N GLU B 421 12.96 -24.41 1.45
CA GLU B 421 11.80 -23.62 1.00
C GLU B 421 12.20 -22.32 0.29
N TYR B 422 13.24 -21.60 0.73
CA TYR B 422 13.72 -20.44 -0.02
C TYR B 422 14.38 -20.82 -1.35
N GLN B 423 15.20 -21.86 -1.43
CA GLN B 423 15.85 -22.22 -2.70
C GLN B 423 14.88 -22.82 -3.73
N GLN B 424 13.66 -23.19 -3.32
CA GLN B 424 12.60 -23.71 -4.21
C GLN B 424 12.23 -22.72 -5.33
N TYR B 425 12.51 -21.43 -5.13
CA TYR B 425 12.24 -20.35 -6.07
C TYR B 425 13.50 -19.83 -6.79
N GLN B 426 14.52 -20.70 -6.89
CA GLN B 426 15.76 -20.55 -7.67
C GLN B 426 16.62 -19.32 -7.29
N MET C 1 -28.92 21.15 -14.81
CA MET C 1 -30.34 21.26 -14.48
C MET C 1 -30.69 20.43 -13.25
N ARG C 2 -30.20 19.19 -13.21
CA ARG C 2 -30.42 18.31 -12.07
C ARG C 2 -29.09 18.09 -11.36
N GLU C 3 -29.11 17.22 -10.36
CA GLU C 3 -28.04 17.04 -9.39
C GLU C 3 -27.56 15.59 -9.29
N CYS C 4 -26.28 15.40 -9.03
CA CYS C 4 -25.64 14.11 -8.84
C CYS C 4 -24.59 14.16 -7.74
N ILE C 5 -24.35 13.00 -7.12
CA ILE C 5 -23.55 12.87 -5.91
C ILE C 5 -22.24 12.22 -6.29
N SER C 6 -21.10 12.78 -5.86
CA SER C 6 -19.79 12.19 -6.14
C SER C 6 -19.18 11.55 -4.90
N ILE C 7 -18.70 10.33 -5.05
CA ILE C 7 -18.13 9.52 -3.98
C ILE C 7 -16.65 9.33 -4.29
N HIS C 8 -15.77 9.79 -3.43
CA HIS C 8 -14.33 9.70 -3.63
C HIS C 8 -13.77 8.65 -2.67
N VAL C 9 -13.26 7.54 -3.20
CA VAL C 9 -12.91 6.36 -2.41
C VAL C 9 -11.41 6.12 -2.38
N GLY C 10 -10.83 5.94 -1.21
CA GLY C 10 -9.41 5.64 -1.07
C GLY C 10 -8.52 6.82 -1.46
N GLN C 11 -7.20 6.67 -1.40
CA GLN C 11 -6.31 7.80 -1.63
C GLN C 11 -6.37 8.35 -3.04
N ALA C 12 -6.34 7.50 -4.08
CA ALA C 12 -6.44 7.99 -5.46
C ALA C 12 -7.75 8.73 -5.67
N GLY C 13 -8.86 8.16 -5.18
CA GLY C 13 -10.15 8.81 -5.36
C GLY C 13 -10.23 10.16 -4.68
N VAL C 14 -9.79 10.22 -3.42
CA VAL C 14 -9.79 11.43 -2.62
C VAL C 14 -8.90 12.49 -3.25
N GLN C 15 -7.70 12.11 -3.70
CA GLN C 15 -6.78 13.06 -4.30
C GLN C 15 -7.29 13.58 -5.64
N ILE C 16 -7.92 12.72 -6.44
CA ILE C 16 -8.54 13.18 -7.69
C ILE C 16 -9.70 14.12 -7.38
N GLY C 17 -10.50 13.77 -6.38
CA GLY C 17 -11.63 14.55 -5.90
C GLY C 17 -11.21 15.96 -5.48
N ASN C 18 -10.09 16.12 -4.78
CA ASN C 18 -9.55 17.44 -4.44
C ASN C 18 -9.43 18.32 -5.68
N ALA C 19 -8.77 17.84 -6.72
CA ALA C 19 -8.61 18.62 -7.94
C ALA C 19 -9.95 18.86 -8.62
N CYS C 20 -10.82 17.84 -8.62
CA CYS C 20 -12.12 17.98 -9.27
C CYS C 20 -12.91 19.12 -8.63
N TRP C 21 -12.95 19.20 -7.29
CA TRP C 21 -13.63 20.27 -6.56
C TRP C 21 -12.93 21.62 -6.61
N GLU C 22 -11.60 21.66 -6.61
CA GLU C 22 -10.86 22.87 -6.94
C GLU C 22 -11.22 23.38 -8.33
N LEU C 23 -11.48 22.51 -9.30
CA LEU C 23 -11.97 22.91 -10.62
C LEU C 23 -13.42 23.36 -10.61
N TYR C 24 -14.34 22.66 -9.96
CA TYR C 24 -15.76 23.04 -9.97
C TYR C 24 -15.97 24.38 -9.26
N CYS C 25 -15.41 24.56 -8.06
CA CYS C 25 -15.68 25.79 -7.33
C CYS C 25 -15.10 26.98 -8.09
N LEU C 26 -13.89 26.86 -8.66
CA LEU C 26 -13.31 27.89 -9.50
C LEU C 26 -14.10 28.12 -10.80
N GLU C 27 -14.74 27.11 -11.36
CA GLU C 27 -15.56 27.27 -12.56
C GLU C 27 -16.86 27.99 -12.25
N HIS C 28 -17.43 27.74 -11.07
CA HIS C 28 -18.67 28.37 -10.66
C HIS C 28 -18.44 29.65 -9.85
N GLY C 29 -17.19 30.06 -9.71
CA GLY C 29 -16.89 31.31 -9.02
C GLY C 29 -17.09 31.27 -7.53
N ILE C 30 -17.03 30.09 -6.91
CA ILE C 30 -17.23 29.86 -5.48
C ILE C 30 -15.86 29.87 -4.79
N GLN C 31 -15.74 30.61 -3.70
CA GLN C 31 -14.48 30.79 -2.98
C GLN C 31 -14.22 29.62 -2.01
N PRO C 32 -12.98 29.36 -1.58
CA PRO C 32 -12.64 28.20 -0.76
C PRO C 32 -13.38 28.06 0.58
N ASP C 33 -13.97 29.14 1.08
CA ASP C 33 -14.82 29.15 2.28
C ASP C 33 -16.29 28.78 1.99
N GLY C 34 -16.66 28.59 0.73
CA GLY C 34 -18.00 28.27 0.28
C GLY C 34 -18.90 29.47 -0.04
N GLN C 35 -18.40 30.71 0.06
CA GLN C 35 -19.19 31.87 -0.32
C GLN C 35 -19.05 32.14 -1.80
N MET C 36 -20.01 32.88 -2.35
CA MET C 36 -20.02 33.21 -3.78
C MET C 36 -20.51 34.65 -3.90
N PRO C 37 -19.69 35.58 -4.39
CA PRO C 37 -20.11 36.98 -4.42
C PRO C 37 -21.27 37.20 -5.37
N SER C 38 -22.14 38.14 -5.01
CA SER C 38 -23.34 38.39 -5.81
C SER C 38 -22.96 39.01 -7.14
N ASP C 39 -23.13 38.24 -8.22
CA ASP C 39 -22.83 38.70 -9.56
C ASP C 39 -24.02 39.49 -10.10
N LYS C 40 -23.98 39.85 -11.38
CA LYS C 40 -25.08 40.57 -11.99
C LYS C 40 -26.32 39.69 -12.08
N THR C 41 -26.22 38.59 -12.84
CA THR C 41 -27.28 37.59 -12.98
C THR C 41 -28.59 38.25 -13.40
N ILE C 42 -28.57 38.84 -14.60
CA ILE C 42 -29.77 39.47 -15.13
C ILE C 42 -30.78 38.38 -15.48
N GLY C 43 -31.93 38.41 -14.81
CA GLY C 43 -32.93 37.37 -14.97
C GLY C 43 -33.35 36.76 -13.65
N GLY C 44 -32.39 36.64 -12.73
CA GLY C 44 -32.68 36.14 -11.40
C GLY C 44 -32.26 34.70 -11.17
N GLY C 45 -31.32 34.50 -10.25
CA GLY C 45 -30.90 33.16 -9.87
C GLY C 45 -29.79 32.58 -10.71
N ASP C 46 -29.07 31.61 -10.15
CA ASP C 46 -28.00 30.91 -10.85
C ASP C 46 -28.12 29.42 -10.52
N ASP C 47 -28.63 28.64 -11.46
CA ASP C 47 -28.85 27.22 -11.27
C ASP C 47 -27.68 26.37 -11.73
N SER C 48 -26.55 27.00 -12.07
CA SER C 48 -25.39 26.25 -12.53
C SER C 48 -24.84 25.35 -11.44
N PHE C 49 -24.78 25.88 -10.21
CA PHE C 49 -24.15 25.19 -9.08
C PHE C 49 -25.02 24.07 -8.52
N ASN C 50 -26.33 24.10 -8.72
CA ASN C 50 -27.24 23.13 -8.09
C ASN C 50 -26.85 21.67 -8.37
N THR C 51 -26.25 21.40 -9.54
CA THR C 51 -25.83 20.06 -9.93
C THR C 51 -24.86 19.41 -8.96
N PHE C 52 -24.01 20.21 -8.32
CA PHE C 52 -22.91 19.74 -7.49
C PHE C 52 -22.87 20.37 -6.10
N PHE C 53 -23.64 21.42 -5.80
CA PHE C 53 -23.70 22.05 -4.48
C PHE C 53 -25.14 22.15 -3.97
N SER C 54 -25.30 22.15 -2.65
CA SER C 54 -26.54 22.50 -1.97
C SER C 54 -26.42 23.92 -1.42
N GLU C 55 -27.44 24.75 -1.62
CA GLU C 55 -27.53 26.09 -1.05
C GLU C 55 -28.16 25.99 0.33
N THR C 56 -27.38 26.11 1.40
CA THR C 56 -27.88 26.10 2.77
C THR C 56 -26.95 26.91 3.66
N GLY C 57 -27.40 28.09 4.11
CA GLY C 57 -26.60 28.97 4.93
C GLY C 57 -26.68 30.43 4.53
N ALA C 58 -27.61 30.75 3.62
CA ALA C 58 -27.81 32.11 3.15
C ALA C 58 -26.53 32.68 2.55
N GLY C 59 -26.11 32.08 1.44
CA GLY C 59 -24.89 32.45 0.77
C GLY C 59 -23.75 31.46 0.89
N LYS C 60 -24.00 30.29 1.50
CA LYS C 60 -23.03 29.22 1.72
C LYS C 60 -23.38 28.03 0.84
N HIS C 61 -22.43 27.60 0.01
CA HIS C 61 -22.53 26.43 -0.86
C HIS C 61 -21.76 25.26 -0.27
N VAL C 62 -22.41 24.10 -0.11
CA VAL C 62 -21.77 22.86 0.36
C VAL C 62 -21.83 21.80 -0.75
N PRO C 63 -20.70 21.21 -1.17
CA PRO C 63 -20.68 20.28 -2.29
C PRO C 63 -21.33 18.94 -1.94
N ARG C 64 -22.00 18.33 -2.92
CA ARG C 64 -22.70 17.04 -2.83
C ARG C 64 -21.76 15.83 -2.83
N ALA C 65 -20.59 15.96 -2.19
CA ALA C 65 -19.58 14.92 -2.14
C ALA C 65 -19.76 13.98 -0.95
N VAL C 66 -19.28 12.75 -1.06
CA VAL C 66 -18.87 11.93 0.07
C VAL C 66 -17.41 11.60 -0.13
N PHE C 67 -16.57 11.91 0.84
CA PHE C 67 -15.19 11.42 0.83
C PHE C 67 -15.13 10.24 1.77
N VAL C 68 -14.63 9.10 1.33
CA VAL C 68 -14.49 7.94 2.19
C VAL C 68 -13.15 7.29 2.01
N ASP C 69 -12.52 6.94 3.12
CA ASP C 69 -11.32 6.15 3.09
C ASP C 69 -11.26 5.28 4.34
N LEU C 70 -10.76 4.05 4.24
CA LEU C 70 -10.48 3.25 5.42
C LEU C 70 -9.28 3.83 6.19
N GLU C 71 -8.48 4.68 5.56
CA GLU C 71 -7.30 5.33 6.12
C GLU C 71 -7.53 6.82 6.44
N PRO C 72 -7.23 7.30 7.66
CA PRO C 72 -7.39 8.71 8.01
C PRO C 72 -6.59 9.70 7.17
N THR C 73 -5.31 9.41 6.93
CA THR C 73 -4.29 10.38 6.49
C THR C 73 -4.79 11.33 5.42
N VAL C 74 -5.13 10.85 4.22
CA VAL C 74 -5.54 11.76 3.12
C VAL C 74 -6.81 12.53 3.42
N ILE C 75 -7.72 11.99 4.23
CA ILE C 75 -8.90 12.75 4.65
C ILE C 75 -8.49 13.86 5.60
N ASP C 76 -7.53 13.61 6.50
CA ASP C 76 -6.98 14.66 7.38
C ASP C 76 -6.24 15.75 6.59
N GLU C 77 -5.59 15.42 5.48
CA GLU C 77 -5.05 16.42 4.58
C GLU C 77 -6.15 17.31 3.99
N VAL C 78 -7.30 16.75 3.63
CA VAL C 78 -8.45 17.55 3.16
C VAL C 78 -9.05 18.41 4.26
N ARG C 79 -9.18 17.89 5.48
CA ARG C 79 -9.59 18.64 6.69
C ARG C 79 -8.61 19.77 7.07
N THR C 80 -7.40 19.75 6.51
CA THR C 80 -6.34 20.73 6.79
C THR C 80 -6.07 21.67 5.61
N GLY C 81 -6.31 21.23 4.37
CA GLY C 81 -5.99 21.97 3.15
C GLY C 81 -6.91 23.15 2.85
N THR C 82 -6.66 23.84 1.74
CA THR C 82 -7.36 25.07 1.36
C THR C 82 -8.88 24.93 1.30
N TYR C 83 -9.39 23.78 0.88
CA TYR C 83 -10.83 23.51 0.74
C TYR C 83 -11.48 22.83 1.94
N ARG C 84 -10.81 22.78 3.10
CA ARG C 84 -11.34 22.21 4.35
C ARG C 84 -12.68 22.82 4.80
N GLN C 85 -12.95 24.04 4.38
CA GLN C 85 -14.15 24.79 4.74
C GLN C 85 -15.36 24.50 3.83
N LEU C 86 -15.20 23.86 2.66
CA LEU C 86 -16.34 23.54 1.78
C LEU C 86 -17.22 22.46 2.38
N PHE C 87 -16.63 21.29 2.66
CA PHE C 87 -17.35 20.11 3.10
C PHE C 87 -17.80 20.26 4.55
N HIS C 88 -19.08 20.02 4.88
CA HIS C 88 -19.48 19.92 6.28
C HIS C 88 -18.99 18.57 6.84
N PRO C 89 -18.26 18.54 7.98
CA PRO C 89 -17.40 17.41 8.34
C PRO C 89 -18.01 16.01 8.35
N GLU C 90 -19.31 15.87 8.58
CA GLU C 90 -19.99 14.59 8.67
C GLU C 90 -19.92 13.74 7.39
N GLN C 91 -19.61 14.38 6.25
CA GLN C 91 -19.48 13.73 4.92
C GLN C 91 -18.05 13.33 4.57
N LEU C 92 -17.05 13.72 5.36
CA LEU C 92 -15.67 13.25 5.26
C LEU C 92 -15.50 11.99 6.12
N ILE C 93 -15.99 10.84 5.65
CA ILE C 93 -15.99 9.57 6.36
C ILE C 93 -14.58 8.98 6.47
N THR C 94 -14.27 8.20 7.50
CA THR C 94 -12.92 7.69 7.77
C THR C 94 -12.94 6.43 8.63
N GLY C 95 -12.23 5.38 8.20
CA GLY C 95 -11.97 4.19 8.99
C GLY C 95 -10.79 4.33 9.96
N LYS C 96 -10.52 3.28 10.72
CA LYS C 96 -9.42 3.23 11.72
C LYS C 96 -8.08 2.81 11.12
N GLU C 97 -8.09 1.77 10.30
CA GLU C 97 -6.94 1.25 9.56
C GLU C 97 -7.34 0.94 8.12
N ASP C 98 -6.38 1.01 7.19
CA ASP C 98 -6.59 0.78 5.77
C ASP C 98 -6.80 -0.69 5.39
N ALA C 99 -7.29 -0.95 4.17
CA ALA C 99 -7.26 -2.31 3.64
C ALA C 99 -5.85 -2.79 3.36
N ALA C 100 -4.89 -1.87 3.21
CA ALA C 100 -3.50 -2.22 2.93
C ALA C 100 -3.39 -3.08 1.68
N ASN C 101 -3.81 -2.59 0.52
CA ASN C 101 -3.74 -3.27 -0.78
C ASN C 101 -4.41 -4.65 -0.83
N ASN C 102 -5.22 -5.02 0.15
CA ASN C 102 -5.88 -6.32 0.17
C ASN C 102 -7.37 -6.12 -0.09
N TYR C 103 -7.88 -6.63 -1.22
CA TYR C 103 -9.29 -6.55 -1.57
C TYR C 103 -10.18 -7.17 -0.49
N ALA C 104 -9.83 -8.36 0.01
CA ALA C 104 -10.63 -9.07 0.98
C ALA C 104 -10.77 -8.28 2.30
N ARG C 105 -9.80 -7.44 2.67
CA ARG C 105 -9.98 -6.50 3.77
C ARG C 105 -11.02 -5.43 3.46
N GLY C 106 -10.90 -4.76 2.33
CA GLY C 106 -11.79 -3.66 1.99
C GLY C 106 -13.18 -4.10 1.57
N HIS C 107 -13.36 -5.38 1.22
CA HIS C 107 -14.66 -5.95 0.92
C HIS C 107 -15.22 -6.67 2.15
N TYR C 108 -14.56 -7.71 2.63
CA TYR C 108 -15.08 -8.55 3.71
C TYR C 108 -14.67 -8.07 5.10
N THR C 109 -13.39 -8.04 5.46
CA THR C 109 -13.00 -7.92 6.88
C THR C 109 -13.23 -6.53 7.51
N ILE C 110 -13.04 -5.45 6.75
CA ILE C 110 -12.90 -4.07 7.27
C ILE C 110 -13.88 -3.08 6.61
N GLY C 111 -14.22 -3.27 5.34
CA GLY C 111 -15.21 -2.43 4.67
C GLY C 111 -16.58 -2.52 5.29
N LYS C 112 -16.99 -3.70 5.76
CA LYS C 112 -18.32 -3.91 6.32
C LYS C 112 -18.56 -3.09 7.59
N GLU C 113 -17.52 -2.53 8.21
CA GLU C 113 -17.70 -1.66 9.37
C GLU C 113 -17.91 -0.20 8.99
N ILE C 114 -17.67 0.20 7.74
CA ILE C 114 -17.79 1.59 7.29
C ILE C 114 -18.94 1.74 6.29
N ILE C 115 -19.44 0.64 5.72
CA ILE C 115 -20.49 0.73 4.72
C ILE C 115 -21.78 1.25 5.35
N ASP C 116 -22.08 0.82 6.58
CA ASP C 116 -23.31 1.23 7.23
C ASP C 116 -23.38 2.74 7.48
N LEU C 117 -22.25 3.44 7.48
CA LEU C 117 -22.13 4.88 7.71
C LEU C 117 -22.17 5.66 6.41
N VAL C 118 -21.45 5.20 5.37
CA VAL C 118 -21.52 5.89 4.07
C VAL C 118 -22.89 5.70 3.46
N LEU C 119 -23.53 4.54 3.61
CA LEU C 119 -24.89 4.37 3.10
C LEU C 119 -25.85 5.36 3.74
N ASP C 120 -25.73 5.57 5.05
CA ASP C 120 -26.57 6.57 5.70
C ASP C 120 -26.29 7.96 5.15
N ARG C 121 -25.02 8.32 4.94
CA ARG C 121 -24.65 9.65 4.44
C ARG C 121 -25.11 9.89 3.01
N ILE C 122 -25.04 8.91 2.11
CA ILE C 122 -25.60 9.06 0.77
C ILE C 122 -27.13 9.03 0.79
N ARG C 123 -27.79 8.22 1.64
CA ARG C 123 -29.25 8.30 1.71
C ARG C 123 -29.70 9.68 2.16
N LYS C 124 -28.94 10.30 3.06
CA LYS C 124 -29.13 11.68 3.54
C LYS C 124 -28.86 12.73 2.46
N LEU C 125 -27.83 12.58 1.63
CA LEU C 125 -27.60 13.48 0.50
C LEU C 125 -28.62 13.31 -0.63
N ALA C 126 -29.08 12.09 -0.90
CA ALA C 126 -30.00 11.89 -2.02
C ALA C 126 -31.38 12.45 -1.73
N ASP C 127 -31.84 12.35 -0.47
CA ASP C 127 -33.14 12.91 -0.11
C ASP C 127 -33.17 14.42 -0.27
N GLN C 128 -32.02 15.09 -0.15
CA GLN C 128 -31.88 16.53 -0.38
C GLN C 128 -32.01 16.88 -1.88
N CYS C 129 -31.77 15.93 -2.78
CA CYS C 129 -31.93 16.11 -4.21
C CYS C 129 -33.41 16.10 -4.62
N THR C 130 -33.83 17.07 -5.42
CA THR C 130 -35.17 17.15 -6.03
C THR C 130 -35.35 16.07 -7.11
N GLY C 131 -34.28 15.82 -7.87
CA GLY C 131 -34.19 14.79 -8.88
C GLY C 131 -32.76 14.36 -9.08
N LEU C 132 -32.49 13.07 -8.95
CA LEU C 132 -31.14 12.54 -8.99
C LEU C 132 -30.80 12.12 -10.42
N GLN C 133 -29.62 12.50 -10.88
CA GLN C 133 -29.13 12.07 -12.18
C GLN C 133 -28.34 10.76 -12.07
N GLY C 134 -27.33 10.75 -11.21
CA GLY C 134 -26.50 9.57 -11.09
C GLY C 134 -25.50 9.70 -9.97
N PHE C 135 -24.54 8.78 -9.98
CA PHE C 135 -23.50 8.70 -8.96
C PHE C 135 -22.14 8.71 -9.66
N LEU C 136 -21.28 9.65 -9.27
CA LEU C 136 -19.93 9.74 -9.82
C LEU C 136 -18.96 9.15 -8.81
N VAL C 137 -18.44 7.97 -9.12
CA VAL C 137 -17.56 7.25 -8.20
C VAL C 137 -16.12 7.37 -8.70
N PHE C 138 -15.23 7.83 -7.83
CA PHE C 138 -13.82 7.98 -8.14
C PHE C 138 -13.04 7.00 -7.27
N HIS C 139 -12.27 6.13 -7.90
CA HIS C 139 -11.53 5.11 -7.18
C HIS C 139 -10.39 4.60 -8.05
N SER C 140 -9.68 3.60 -7.57
CA SER C 140 -8.57 2.99 -8.31
C SER C 140 -8.62 1.49 -8.11
N PHE C 141 -8.34 0.72 -9.18
CA PHE C 141 -8.44 -0.73 -9.17
C PHE C 141 -7.28 -1.41 -8.43
N GLY C 142 -6.11 -0.78 -8.35
CA GLY C 142 -4.93 -1.42 -7.75
C GLY C 142 -4.90 -1.41 -6.22
N GLY C 143 -5.62 -0.49 -5.58
CA GLY C 143 -5.63 -0.30 -4.13
C GLY C 143 -6.57 -1.27 -3.43
N GLY C 144 -6.42 -1.47 -2.12
CA GLY C 144 -7.33 -2.30 -1.35
C GLY C 144 -8.64 -1.58 -1.07
N THR C 145 -8.63 -0.38 -0.50
CA THR C 145 -9.84 0.38 -0.23
C THR C 145 -10.58 0.70 -1.52
N GLY C 146 -9.88 1.30 -2.47
CA GLY C 146 -10.34 1.62 -3.81
C GLY C 146 -11.00 0.45 -4.50
N SER C 147 -10.35 -0.72 -4.56
CA SER C 147 -10.92 -1.88 -5.20
C SER C 147 -12.07 -2.52 -4.40
N GLY C 148 -11.82 -2.93 -3.16
CA GLY C 148 -12.75 -3.75 -2.40
C GLY C 148 -13.94 -2.96 -1.87
N PHE C 149 -13.68 -1.83 -1.24
CA PHE C 149 -14.75 -1.02 -0.67
C PHE C 149 -15.62 -0.42 -1.75
N THR C 150 -15.05 0.01 -2.89
CA THR C 150 -15.87 0.51 -3.98
C THR C 150 -16.69 -0.61 -4.57
N SER C 151 -16.14 -1.81 -4.76
CA SER C 151 -16.95 -2.93 -5.23
C SER C 151 -18.14 -3.18 -4.30
N LEU C 152 -17.93 -3.23 -2.99
CA LEU C 152 -19.01 -3.38 -2.04
C LEU C 152 -20.02 -2.23 -2.13
N LEU C 153 -19.55 -1.00 -2.17
CA LEU C 153 -20.41 0.16 -2.28
C LEU C 153 -21.24 0.14 -3.57
N MET C 154 -20.74 -0.38 -4.70
CA MET C 154 -21.51 -0.44 -5.94
C MET C 154 -22.67 -1.41 -5.82
N GLU C 155 -22.47 -2.58 -5.20
CA GLU C 155 -23.60 -3.47 -4.99
C GLU C 155 -24.62 -2.83 -4.04
N ARG C 156 -24.20 -2.09 -3.00
CA ARG C 156 -25.12 -1.41 -2.10
C ARG C 156 -25.93 -0.35 -2.84
N LEU C 157 -25.27 0.42 -3.71
CA LEU C 157 -25.99 1.41 -4.50
C LEU C 157 -26.99 0.76 -5.45
N SER C 158 -26.59 -0.32 -6.12
CA SER C 158 -27.49 -1.01 -7.04
C SER C 158 -28.71 -1.58 -6.32
N VAL C 159 -28.54 -2.08 -5.10
CA VAL C 159 -29.68 -2.54 -4.33
C VAL C 159 -30.56 -1.38 -3.86
N ASP C 160 -29.98 -0.31 -3.34
CA ASP C 160 -30.76 0.76 -2.73
C ASP C 160 -31.49 1.60 -3.77
N TYR C 161 -30.84 1.89 -4.89
CA TYR C 161 -31.43 2.81 -5.87
C TYR C 161 -31.83 2.11 -7.16
N GLY C 162 -31.01 1.18 -7.65
CA GLY C 162 -31.40 0.36 -8.77
C GLY C 162 -31.19 0.97 -10.14
N LYS C 163 -32.05 1.91 -10.52
CA LYS C 163 -32.05 2.41 -11.89
C LYS C 163 -31.30 3.74 -12.04
N LYS C 164 -30.91 4.37 -10.93
CA LYS C 164 -30.09 5.57 -11.03
C LYS C 164 -28.73 5.22 -11.62
N SER C 165 -28.28 6.06 -12.55
CA SER C 165 -27.02 5.80 -13.24
C SER C 165 -25.85 5.91 -12.27
N LYS C 166 -24.76 5.22 -12.60
CA LYS C 166 -23.56 5.22 -11.77
C LYS C 166 -22.33 5.31 -12.68
N LEU C 167 -21.84 6.53 -12.89
CA LEU C 167 -20.60 6.72 -13.61
C LEU C 167 -19.44 6.37 -12.70
N GLU C 168 -18.39 5.80 -13.26
CA GLU C 168 -17.26 5.29 -12.50
C GLU C 168 -15.95 5.69 -13.15
N PHE C 169 -15.24 6.63 -12.55
CA PHE C 169 -13.94 7.10 -13.00
C PHE C 169 -12.85 6.33 -12.27
N SER C 170 -12.41 5.23 -12.84
CA SER C 170 -11.49 4.31 -12.20
C SER C 170 -10.07 4.44 -12.75
N ILE C 171 -9.08 4.50 -11.88
CA ILE C 171 -7.69 4.43 -12.31
C ILE C 171 -7.28 2.98 -12.49
N TYR C 172 -6.87 2.56 -13.67
CA TYR C 172 -6.49 1.18 -13.98
C TYR C 172 -4.97 0.96 -13.82
N PRO C 173 -4.49 -0.25 -13.48
CA PRO C 173 -3.05 -0.53 -13.46
C PRO C 173 -2.42 -0.36 -14.83
N ALA C 174 -1.30 0.35 -14.90
CA ALA C 174 -0.60 0.55 -16.16
C ALA C 174 0.12 -0.74 -16.62
N PRO C 175 0.38 -0.91 -17.94
CA PRO C 175 1.03 -2.09 -18.49
C PRO C 175 2.36 -2.43 -17.84
N GLN C 176 3.24 -1.44 -17.65
CA GLN C 176 4.58 -1.63 -17.11
C GLN C 176 4.75 -0.90 -15.79
N VAL C 177 4.33 0.36 -15.73
CA VAL C 177 4.35 1.16 -14.49
C VAL C 177 3.39 0.56 -13.48
N SER C 178 3.87 0.23 -12.28
CA SER C 178 3.02 -0.30 -11.22
C SER C 178 3.74 -0.13 -9.90
N THR C 179 3.05 0.46 -8.92
CA THR C 179 3.63 0.77 -7.64
C THR C 179 3.24 -0.24 -6.56
N ALA C 180 2.62 -1.35 -6.94
CA ALA C 180 2.25 -2.38 -5.98
C ALA C 180 2.43 -3.74 -6.61
N VAL C 181 2.85 -4.72 -5.82
CA VAL C 181 3.18 -6.07 -6.30
C VAL C 181 1.91 -6.82 -6.68
N VAL C 182 0.80 -6.47 -6.03
CA VAL C 182 -0.43 -7.27 -5.98
C VAL C 182 -1.61 -6.63 -6.76
N GLU C 183 -1.38 -5.54 -7.50
CA GLU C 183 -2.39 -4.89 -8.35
C GLU C 183 -3.24 -5.85 -9.21
N PRO C 184 -2.70 -6.89 -9.86
CA PRO C 184 -3.52 -7.77 -10.68
C PRO C 184 -4.57 -8.53 -9.88
N TYR C 185 -4.34 -8.94 -8.63
CA TYR C 185 -5.38 -9.59 -7.85
C TYR C 185 -6.50 -8.59 -7.55
N ASN C 186 -6.17 -7.38 -7.11
CA ASN C 186 -7.19 -6.37 -6.84
C ASN C 186 -7.97 -5.95 -8.08
N SER C 187 -7.36 -5.99 -9.26
CA SER C 187 -7.97 -5.51 -10.50
C SER C 187 -8.76 -6.58 -11.25
N ILE C 188 -8.47 -7.86 -11.04
CA ILE C 188 -9.42 -8.91 -11.45
C ILE C 188 -10.58 -8.96 -10.47
N LEU C 189 -10.35 -8.80 -9.17
CA LEU C 189 -11.42 -8.89 -8.19
C LEU C 189 -12.41 -7.71 -8.22
N THR C 190 -12.07 -6.54 -8.76
CA THR C 190 -13.10 -5.53 -9.07
C THR C 190 -13.97 -5.93 -10.25
N THR C 191 -13.45 -6.72 -11.19
CA THR C 191 -13.96 -6.67 -12.55
C THR C 191 -15.41 -7.12 -12.62
N HIS C 192 -15.76 -8.24 -11.97
CA HIS C 192 -17.14 -8.70 -11.83
C HIS C 192 -18.06 -7.58 -11.37
N THR C 193 -17.64 -6.84 -10.36
CA THR C 193 -18.45 -5.81 -9.77
C THR C 193 -18.60 -4.58 -10.68
N THR C 194 -17.56 -4.20 -11.40
CA THR C 194 -17.68 -3.15 -12.43
C THR C 194 -18.48 -3.65 -13.64
N LEU C 195 -18.43 -4.92 -14.05
CA LEU C 195 -19.34 -5.43 -15.07
C LEU C 195 -20.79 -5.27 -14.63
N GLU C 196 -21.15 -5.81 -13.47
CA GLU C 196 -22.55 -6.00 -13.09
C GLU C 196 -23.19 -4.76 -12.47
N HIS C 197 -22.44 -3.97 -11.71
CA HIS C 197 -23.00 -2.92 -10.84
C HIS C 197 -22.61 -1.50 -11.25
N SER C 198 -22.35 -1.28 -12.54
CA SER C 198 -21.93 0.02 -13.08
C SER C 198 -22.44 0.24 -14.50
N ASP C 199 -22.74 1.49 -14.89
CA ASP C 199 -23.30 1.82 -16.18
C ASP C 199 -22.27 2.33 -17.17
N CYS C 200 -21.28 3.10 -16.71
CA CYS C 200 -20.17 3.53 -17.54
C CYS C 200 -18.93 3.61 -16.68
N ALA C 201 -17.90 2.84 -17.05
CA ALA C 201 -16.61 2.89 -16.38
C ALA C 201 -15.59 3.55 -17.31
N PHE C 202 -15.05 4.68 -16.91
CA PHE C 202 -14.03 5.41 -17.65
C PHE C 202 -12.66 5.09 -17.08
N MET C 203 -12.16 3.91 -17.38
CA MET C 203 -10.86 3.52 -16.88
C MET C 203 -9.77 4.36 -17.53
N VAL C 204 -8.80 4.77 -16.72
CA VAL C 204 -7.73 5.68 -17.08
C VAL C 204 -6.45 5.13 -16.45
N ASP C 205 -5.30 5.10 -17.12
CA ASP C 205 -4.09 4.54 -16.51
C ASP C 205 -2.96 5.55 -16.44
N ASN C 206 -2.10 5.42 -15.43
CA ASN C 206 -1.19 6.51 -15.13
C ASN C 206 -0.08 6.65 -16.18
N GLU C 207 0.42 5.57 -16.78
CA GLU C 207 1.49 5.72 -17.76
C GLU C 207 1.01 6.40 -19.05
N ALA C 208 -0.26 6.23 -19.43
CA ALA C 208 -0.85 7.05 -20.48
C ALA C 208 -0.86 8.55 -20.11
N ILE C 209 -1.21 8.93 -18.88
CA ILE C 209 -1.19 10.36 -18.52
C ILE C 209 0.24 10.90 -18.37
N TYR C 210 1.21 10.10 -17.91
CA TYR C 210 2.61 10.51 -17.96
C TYR C 210 3.06 10.81 -19.39
N ASP C 211 2.70 9.98 -20.37
CA ASP C 211 3.00 10.29 -21.76
C ASP C 211 2.34 11.59 -22.23
N ILE C 212 1.08 11.85 -21.88
CA ILE C 212 0.44 13.13 -22.19
C ILE C 212 1.21 14.29 -21.53
N CYS C 213 1.63 14.17 -20.29
CA CYS C 213 2.40 15.21 -19.62
C CYS C 213 3.76 15.47 -20.29
N ARG C 214 4.44 14.42 -20.76
CA ARG C 214 5.72 14.54 -21.46
C ARG C 214 5.54 15.10 -22.88
N ARG C 215 4.69 14.48 -23.70
CA ARG C 215 4.50 14.82 -25.12
C ARG C 215 3.75 16.13 -25.35
N ASN C 216 2.73 16.42 -24.57
CA ASN C 216 1.84 17.54 -24.83
C ASN C 216 2.11 18.76 -23.97
N LEU C 217 2.26 18.60 -22.65
CA LEU C 217 2.48 19.75 -21.75
C LEU C 217 3.96 20.13 -21.56
N ASP C 218 4.89 19.39 -22.17
CA ASP C 218 6.34 19.54 -21.97
C ASP C 218 6.79 19.44 -20.50
N ILE C 219 5.99 18.84 -19.62
CA ILE C 219 6.37 18.70 -18.21
C ILE C 219 7.42 17.60 -18.10
N GLU C 220 8.61 17.94 -17.61
CA GLU C 220 9.69 16.97 -17.46
C GLU C 220 9.48 16.06 -16.24
N ARG C 221 9.05 16.63 -15.11
CA ARG C 221 8.82 15.92 -13.84
C ARG C 221 7.36 16.09 -13.38
N PRO C 222 6.41 15.36 -14.00
CA PRO C 222 5.01 15.42 -13.60
C PRO C 222 4.79 14.66 -12.29
N THR C 223 3.78 15.09 -11.55
CA THR C 223 3.35 14.53 -10.27
C THR C 223 1.84 14.43 -10.25
N TYR C 224 1.26 13.68 -9.31
CA TYR C 224 -0.17 13.37 -9.32
C TYR C 224 -1.08 14.61 -9.36
N THR C 225 -0.64 15.81 -9.00
CA THR C 225 -1.49 16.99 -9.10
C THR C 225 -1.84 17.33 -10.54
N ASN C 226 -0.92 17.04 -11.47
CA ASN C 226 -1.05 17.29 -12.90
C ASN C 226 -1.96 16.23 -13.51
N LEU C 227 -1.74 14.97 -13.16
CA LEU C 227 -2.57 13.85 -13.61
C LEU C 227 -4.01 14.01 -13.14
N ASN C 228 -4.21 14.28 -11.85
CA ASN C 228 -5.53 14.48 -11.26
C ASN C 228 -6.24 15.68 -11.88
N ARG C 229 -5.49 16.71 -12.28
CA ARG C 229 -6.05 17.84 -13.01
C ARG C 229 -6.63 17.41 -14.35
N LEU C 230 -5.94 16.54 -15.08
CA LEU C 230 -6.44 16.03 -16.35
C LEU C 230 -7.71 15.19 -16.15
N ILE C 231 -7.78 14.30 -15.15
CA ILE C 231 -9.06 13.63 -14.85
C ILE C 231 -10.13 14.67 -14.48
N SER C 232 -9.82 15.68 -13.69
CA SER C 232 -10.82 16.68 -13.31
C SER C 232 -11.38 17.38 -14.53
N GLN C 233 -10.58 17.66 -15.56
CA GLN C 233 -11.05 18.27 -16.81
C GLN C 233 -11.96 17.32 -17.60
N ILE C 234 -11.63 16.03 -17.68
CA ILE C 234 -12.53 15.02 -18.22
C ILE C 234 -13.87 15.05 -17.48
N VAL C 235 -13.88 14.98 -16.16
CA VAL C 235 -15.15 14.87 -15.43
C VAL C 235 -15.97 16.14 -15.58
N SER C 236 -15.31 17.29 -15.53
CA SER C 236 -16.01 18.56 -15.73
C SER C 236 -16.62 18.62 -17.12
N SER C 237 -15.93 18.17 -18.15
CA SER C 237 -16.46 18.21 -19.50
C SER C 237 -17.65 17.27 -19.68
N ILE C 238 -17.63 16.08 -19.08
CA ILE C 238 -18.72 15.12 -19.18
C ILE C 238 -20.01 15.66 -18.57
N THR C 239 -19.92 16.43 -17.50
CA THR C 239 -21.11 16.98 -16.86
C THR C 239 -21.34 18.44 -17.21
N ALA C 240 -20.67 18.96 -18.24
CA ALA C 240 -20.84 20.36 -18.61
C ALA C 240 -22.25 20.64 -19.13
N SER C 241 -22.82 19.70 -19.89
CA SER C 241 -24.13 19.94 -20.48
C SER C 241 -25.22 19.97 -19.41
N LEU C 242 -24.96 19.39 -18.25
CA LEU C 242 -25.93 19.44 -17.16
C LEU C 242 -25.87 20.74 -16.38
N ARG C 243 -24.84 21.56 -16.55
CA ARG C 243 -24.68 22.77 -15.78
C ARG C 243 -24.83 24.06 -16.58
N PHE C 244 -24.66 24.01 -17.90
CA PHE C 244 -24.73 25.21 -18.73
C PHE C 244 -25.56 24.92 -19.97
N ASP C 245 -26.16 25.97 -20.51
CA ASP C 245 -26.92 25.85 -21.74
C ASP C 245 -25.98 25.72 -22.94
N GLY C 246 -26.38 24.91 -23.92
CA GLY C 246 -25.59 24.72 -25.10
C GLY C 246 -26.47 24.62 -26.33
N ALA C 247 -25.85 24.81 -27.49
CA ALA C 247 -26.58 24.72 -28.75
C ALA C 247 -27.15 23.33 -28.96
N LEU C 248 -26.37 22.29 -28.64
CA LEU C 248 -26.81 20.91 -28.74
C LEU C 248 -26.30 20.20 -27.49
N ASN C 249 -27.15 20.14 -26.46
CA ASN C 249 -26.75 19.58 -25.18
C ASN C 249 -27.13 18.11 -25.09
N VAL C 250 -26.37 17.32 -24.32
CA VAL C 250 -26.66 15.89 -24.14
C VAL C 250 -26.78 15.52 -22.67
N ASP C 251 -27.89 14.91 -22.31
CA ASP C 251 -28.23 14.48 -20.97
C ASP C 251 -27.38 13.28 -20.59
N LEU C 252 -27.11 13.12 -19.29
CA LEU C 252 -26.26 12.03 -18.84
C LEU C 252 -26.86 10.68 -19.18
N THR C 253 -28.17 10.53 -18.99
CA THR C 253 -28.82 9.25 -19.29
C THR C 253 -28.88 8.98 -20.79
N GLU C 254 -29.17 10.01 -21.60
CA GLU C 254 -29.19 9.82 -23.05
C GLU C 254 -27.78 9.60 -23.58
N PHE C 255 -26.76 10.18 -22.96
CA PHE C 255 -25.35 9.97 -23.30
C PHE C 255 -24.93 8.51 -23.15
N GLN C 256 -25.33 7.82 -22.08
CA GLN C 256 -25.00 6.40 -21.97
C GLN C 256 -25.73 5.59 -23.03
N THR C 257 -27.06 5.63 -23.01
CA THR C 257 -27.83 4.82 -23.95
C THR C 257 -27.46 5.08 -25.39
N ASN C 258 -26.85 6.23 -25.78
CA ASN C 258 -26.21 6.39 -27.10
C ASN C 258 -24.92 5.58 -27.30
N LEU C 259 -24.04 5.55 -26.32
CA LEU C 259 -22.67 5.06 -26.40
C LEU C 259 -22.50 3.58 -26.07
N VAL C 260 -23.40 2.99 -25.29
CA VAL C 260 -23.35 1.60 -24.84
C VAL C 260 -24.18 0.67 -25.75
N PRO C 261 -23.58 -0.07 -26.69
CA PRO C 261 -24.36 -0.82 -27.67
C PRO C 261 -24.98 -2.08 -27.06
N TYR C 262 -24.36 -2.63 -26.03
CA TYR C 262 -24.82 -3.81 -25.30
C TYR C 262 -24.52 -3.67 -23.79
N PRO C 263 -25.34 -4.25 -22.90
CA PRO C 263 -25.36 -4.07 -21.45
C PRO C 263 -24.00 -4.27 -20.79
N ARG C 264 -23.19 -5.20 -21.30
CA ARG C 264 -21.82 -5.48 -20.83
C ARG C 264 -20.75 -4.65 -21.51
N ILE C 265 -20.96 -4.16 -22.73
CA ILE C 265 -19.94 -3.47 -23.54
C ILE C 265 -19.87 -1.99 -23.12
N HIS C 266 -19.52 -1.70 -21.86
CA HIS C 266 -19.80 -0.40 -21.20
C HIS C 266 -18.57 0.35 -20.68
N PHE C 267 -17.43 0.18 -21.33
CA PHE C 267 -16.12 0.63 -20.84
C PHE C 267 -15.45 1.72 -21.71
N PRO C 268 -15.99 2.95 -21.85
CA PRO C 268 -15.40 3.97 -22.70
C PRO C 268 -13.99 4.41 -22.31
N LEU C 269 -13.13 4.53 -23.31
CA LEU C 269 -11.81 5.12 -23.26
C LEU C 269 -11.92 6.65 -23.31
N ALA C 270 -11.49 7.34 -22.26
CA ALA C 270 -11.57 8.80 -22.14
C ALA C 270 -10.42 9.55 -22.83
N THR C 271 -10.64 10.80 -23.24
CA THR C 271 -9.66 11.64 -23.95
C THR C 271 -10.01 13.13 -23.86
N TYR C 272 -9.03 14.04 -23.91
CA TYR C 272 -9.24 15.49 -23.88
C TYR C 272 -8.27 16.18 -24.84
N ALA C 273 -8.75 17.10 -25.68
CA ALA C 273 -8.01 17.46 -26.91
C ALA C 273 -7.07 18.68 -26.87
N PRO C 274 -7.48 19.87 -26.45
CA PRO C 274 -6.64 21.07 -26.53
C PRO C 274 -5.61 21.11 -25.40
N VAL C 275 -5.20 19.96 -24.88
CA VAL C 275 -4.21 19.84 -23.83
C VAL C 275 -2.83 20.01 -24.46
N ILE C 276 -2.27 21.22 -24.40
CA ILE C 276 -0.92 21.55 -24.89
C ILE C 276 -0.21 22.58 -24.03
N SER C 277 1.12 22.56 -24.12
CA SER C 277 2.07 23.41 -23.42
C SER C 277 1.74 24.89 -23.52
N ALA C 278 1.84 25.61 -22.41
CA ALA C 278 1.41 27.00 -22.31
C ALA C 278 2.17 27.96 -23.26
N GLU C 279 3.41 27.61 -23.64
CA GLU C 279 4.13 28.37 -24.67
C GLU C 279 3.73 27.94 -26.08
N LYS C 280 3.67 26.64 -26.38
CA LYS C 280 3.34 26.13 -27.73
C LYS C 280 1.91 26.48 -28.17
N ALA C 281 1.03 26.80 -27.22
CA ALA C 281 -0.29 27.35 -27.48
C ALA C 281 -0.29 28.69 -28.24
N TYR C 282 0.82 29.42 -28.27
CA TYR C 282 0.95 30.60 -29.15
C TYR C 282 1.06 30.22 -30.63
N HIS C 283 1.63 29.06 -30.97
CA HIS C 283 1.95 28.68 -32.34
C HIS C 283 0.87 27.87 -33.03
N GLU C 284 -0.21 27.52 -32.35
CA GLU C 284 -1.29 26.72 -32.88
C GLU C 284 -2.58 27.55 -32.96
N GLN C 285 -3.30 27.52 -34.08
CA GLN C 285 -4.53 28.29 -34.21
C GLN C 285 -5.62 27.73 -33.30
N LEU C 286 -5.59 26.42 -32.97
CA LEU C 286 -6.52 25.71 -32.08
C LEU C 286 -7.99 25.86 -32.48
N SER C 287 -8.32 25.46 -33.70
CA SER C 287 -9.67 25.46 -34.22
C SER C 287 -10.31 24.10 -34.01
N VAL C 288 -11.56 23.96 -34.47
CA VAL C 288 -12.32 22.74 -34.22
C VAL C 288 -11.69 21.54 -34.92
N ALA C 289 -11.22 21.73 -36.15
CA ALA C 289 -10.74 20.60 -36.94
C ALA C 289 -9.55 19.91 -36.28
N GLU C 290 -8.56 20.70 -35.84
CA GLU C 290 -7.36 20.09 -35.27
C GLU C 290 -7.61 19.51 -33.88
N ILE C 291 -8.50 20.08 -33.06
CA ILE C 291 -8.85 19.44 -31.78
C ILE C 291 -9.72 18.20 -31.98
N THR C 292 -10.57 18.11 -32.99
CA THR C 292 -11.17 16.83 -33.36
C THR C 292 -10.09 15.85 -33.77
N ASN C 293 -9.10 16.27 -34.56
CA ASN C 293 -8.10 15.32 -35.02
C ASN C 293 -7.21 14.83 -33.88
N ALA C 294 -6.99 15.65 -32.85
CA ALA C 294 -6.23 15.23 -31.67
C ALA C 294 -6.90 14.05 -30.95
N CYS C 295 -8.23 14.03 -30.83
CA CYS C 295 -8.96 12.97 -30.13
C CYS C 295 -8.70 11.55 -30.65
N PHE C 296 -8.34 11.40 -31.93
CA PHE C 296 -8.17 10.08 -32.55
C PHE C 296 -6.73 9.60 -32.61
N GLU C 297 -5.74 10.40 -32.19
CA GLU C 297 -4.36 9.94 -32.14
C GLU C 297 -4.10 9.09 -30.89
N PRO C 298 -3.39 7.96 -30.99
CA PRO C 298 -3.07 7.12 -29.84
C PRO C 298 -2.37 7.86 -28.68
N ALA C 299 -1.52 8.83 -28.98
CA ALA C 299 -0.80 9.60 -27.98
C ALA C 299 -1.70 10.44 -27.05
N ASN C 300 -2.95 10.73 -27.45
CA ASN C 300 -3.89 11.52 -26.64
C ASN C 300 -4.85 10.65 -25.80
N GLN C 301 -4.90 9.33 -26.01
CA GLN C 301 -5.77 8.44 -25.24
C GLN C 301 -5.34 8.33 -23.78
N MET C 302 -6.27 8.35 -22.82
CA MET C 302 -5.94 8.20 -21.40
C MET C 302 -5.85 6.74 -20.92
N VAL C 303 -5.74 5.78 -21.83
CA VAL C 303 -5.39 4.38 -21.53
C VAL C 303 -4.31 3.94 -22.50
N LYS C 304 -3.31 3.18 -22.04
CA LYS C 304 -2.21 2.68 -22.87
C LYS C 304 -2.67 1.50 -23.74
N CYS C 305 -3.49 1.79 -24.73
CA CYS C 305 -3.75 0.96 -25.89
C CYS C 305 -3.97 1.89 -27.10
N ASP C 306 -3.65 1.44 -28.32
CA ASP C 306 -3.88 2.24 -29.53
C ASP C 306 -5.08 1.71 -30.32
N PRO C 307 -6.09 2.55 -30.61
CA PRO C 307 -7.33 2.13 -31.27
C PRO C 307 -7.17 1.35 -32.58
N ARG C 308 -6.04 1.49 -33.29
CA ARG C 308 -5.79 0.75 -34.54
C ARG C 308 -5.74 -0.76 -34.36
N HIS C 309 -5.52 -1.27 -33.14
CA HIS C 309 -5.65 -2.70 -32.83
C HIS C 309 -7.10 -3.17 -32.65
N GLY C 310 -8.09 -2.31 -32.90
CA GLY C 310 -9.51 -2.66 -32.81
C GLY C 310 -10.40 -1.77 -33.66
N LYS C 311 -11.67 -1.71 -33.28
CA LYS C 311 -12.75 -0.97 -33.93
C LYS C 311 -13.51 -0.18 -32.89
N TYR C 312 -13.90 1.05 -33.19
CA TYR C 312 -14.87 1.80 -32.38
C TYR C 312 -16.27 1.21 -32.54
N MET C 313 -16.93 0.93 -31.42
CA MET C 313 -18.36 0.67 -31.37
C MET C 313 -19.14 1.98 -31.47
N ALA C 314 -18.64 3.04 -30.83
CA ALA C 314 -19.28 4.33 -30.75
C ALA C 314 -18.30 5.37 -30.22
N CYS C 315 -18.52 6.63 -30.55
CA CYS C 315 -17.86 7.77 -29.93
C CYS C 315 -18.90 8.75 -29.45
N CYS C 316 -18.55 9.55 -28.44
CA CYS C 316 -19.18 10.84 -28.33
C CYS C 316 -18.15 11.93 -28.10
N LEU C 317 -18.42 13.09 -28.69
CA LEU C 317 -17.57 14.25 -28.57
C LEU C 317 -18.34 15.33 -27.84
N LEU C 318 -17.83 15.74 -26.68
CA LEU C 318 -18.41 16.78 -25.86
C LEU C 318 -17.58 18.05 -26.04
N TYR C 319 -17.90 18.77 -27.11
CA TYR C 319 -17.37 20.08 -27.40
C TYR C 319 -17.91 21.11 -26.43
N ARG C 320 -17.09 22.07 -26.03
CA ARG C 320 -17.51 23.20 -25.21
C ARG C 320 -16.74 24.47 -25.59
N GLY C 321 -17.39 25.62 -25.50
CA GLY C 321 -16.72 26.89 -25.74
C GLY C 321 -17.26 27.65 -26.94
N ASP C 322 -16.43 27.82 -27.96
CA ASP C 322 -16.73 28.63 -29.13
C ASP C 322 -16.84 27.74 -30.37
N VAL C 323 -17.56 26.62 -30.25
CA VAL C 323 -17.65 25.62 -31.31
C VAL C 323 -18.94 25.85 -32.09
N VAL C 324 -18.82 26.12 -33.39
CA VAL C 324 -19.99 26.29 -34.26
C VAL C 324 -20.43 24.93 -34.78
N PRO C 325 -21.72 24.58 -34.71
CA PRO C 325 -22.13 23.22 -35.08
C PRO C 325 -21.87 22.84 -36.54
N LYS C 326 -21.71 23.83 -37.43
CA LYS C 326 -21.44 23.47 -38.82
C LYS C 326 -20.04 22.90 -38.99
N ASP C 327 -19.08 23.38 -38.19
CA ASP C 327 -17.73 22.84 -38.24
C ASP C 327 -17.67 21.40 -37.74
N VAL C 328 -18.47 21.08 -36.72
CA VAL C 328 -18.43 19.74 -36.14
C VAL C 328 -18.82 18.69 -37.17
N ASN C 329 -19.85 18.98 -37.97
CA ASN C 329 -20.27 18.02 -38.98
C ASN C 329 -19.17 17.78 -40.00
N ALA C 330 -18.48 18.84 -40.41
CA ALA C 330 -17.37 18.68 -41.34
C ALA C 330 -16.25 17.83 -40.73
N ALA C 331 -15.93 18.08 -39.45
CA ALA C 331 -14.88 17.31 -38.80
C ALA C 331 -15.26 15.84 -38.70
N ILE C 332 -16.52 15.55 -38.37
CA ILE C 332 -16.97 14.17 -38.29
C ILE C 332 -16.92 13.52 -39.67
N ALA C 333 -17.31 14.25 -40.72
CA ALA C 333 -17.22 13.69 -42.07
C ALA C 333 -15.78 13.37 -42.43
N THR C 334 -14.84 14.26 -42.09
CA THR C 334 -13.43 13.99 -42.35
C THR C 334 -12.96 12.75 -41.60
N ILE C 335 -13.37 12.61 -40.34
CA ILE C 335 -12.96 11.44 -39.56
C ILE C 335 -13.51 10.17 -40.18
N LYS C 336 -14.77 10.18 -40.61
CA LYS C 336 -15.33 8.99 -41.22
C LYS C 336 -14.64 8.65 -42.54
N THR C 337 -14.32 9.66 -43.35
CA THR C 337 -13.64 9.39 -44.60
C THR C 337 -12.20 8.96 -44.40
N LYS C 338 -11.56 9.42 -43.34
CA LYS C 338 -10.16 9.10 -43.11
C LYS C 338 -9.99 7.64 -42.72
N ARG C 339 -9.02 6.98 -43.35
CA ARG C 339 -8.73 5.58 -43.07
C ARG C 339 -7.82 5.49 -41.83
N SER C 340 -7.49 4.25 -41.44
CA SER C 340 -6.75 3.94 -40.22
C SER C 340 -7.58 4.27 -38.98
N ILE C 341 -8.83 4.72 -39.14
CA ILE C 341 -9.77 4.97 -38.04
C ILE C 341 -10.98 4.08 -38.33
N GLN C 342 -11.06 2.96 -37.63
CA GLN C 342 -12.01 1.89 -37.94
C GLN C 342 -13.19 1.91 -36.99
N PHE C 343 -14.38 1.88 -37.55
CA PHE C 343 -15.65 1.79 -36.84
C PHE C 343 -16.34 0.50 -37.25
N VAL C 344 -16.99 -0.19 -36.32
CA VAL C 344 -17.68 -1.44 -36.66
C VAL C 344 -18.82 -1.16 -37.64
N ASP C 345 -18.98 -1.97 -38.69
CA ASP C 345 -19.82 -1.56 -39.82
C ASP C 345 -21.32 -1.53 -39.51
N TRP C 346 -21.79 -2.22 -38.46
CA TRP C 346 -23.18 -2.20 -38.05
C TRP C 346 -23.57 -1.03 -37.14
N CYS C 347 -22.71 -0.05 -36.91
CA CYS C 347 -23.12 1.27 -36.42
C CYS C 347 -22.86 2.35 -37.50
N PRO C 348 -23.85 2.68 -38.35
CA PRO C 348 -23.62 3.63 -39.45
C PRO C 348 -23.22 5.01 -38.97
N THR C 349 -23.90 5.55 -37.96
CA THR C 349 -23.57 6.89 -37.47
C THR C 349 -22.29 6.87 -36.65
N GLY C 350 -22.23 6.09 -35.57
CA GLY C 350 -21.02 5.94 -34.76
C GLY C 350 -20.65 7.14 -33.88
N PHE C 351 -21.42 8.24 -33.89
CA PHE C 351 -21.16 9.46 -33.12
C PHE C 351 -22.38 10.03 -32.41
N LYS C 352 -22.20 10.46 -31.16
CA LYS C 352 -23.04 11.46 -30.49
C LYS C 352 -22.23 12.74 -30.31
N VAL C 353 -22.84 13.90 -30.47
CA VAL C 353 -22.16 15.21 -30.38
C VAL C 353 -22.85 16.08 -29.34
N GLY C 354 -22.08 16.76 -28.51
CA GLY C 354 -22.61 17.70 -27.54
C GLY C 354 -21.82 18.99 -27.58
N ILE C 355 -22.55 20.09 -27.62
CA ILE C 355 -21.96 21.42 -27.71
C ILE C 355 -22.45 22.27 -26.56
N ASN C 356 -21.52 22.91 -25.86
CA ASN C 356 -21.83 23.73 -24.70
C ASN C 356 -21.16 25.08 -24.85
N TYR C 357 -21.83 26.12 -24.35
CA TYR C 357 -21.34 27.49 -24.52
C TYR C 357 -20.26 27.87 -23.53
N GLN C 358 -20.07 27.11 -22.45
CA GLN C 358 -19.10 27.47 -21.43
C GLN C 358 -17.72 26.98 -21.86
N PRO C 359 -16.75 27.87 -22.07
CA PRO C 359 -15.40 27.41 -22.34
C PRO C 359 -14.77 26.84 -21.09
N PRO C 360 -13.79 25.93 -21.22
CA PRO C 360 -13.11 25.37 -20.07
C PRO C 360 -12.36 26.47 -19.33
N THR C 361 -12.34 26.39 -18.01
CA THR C 361 -11.58 27.32 -17.19
C THR C 361 -10.28 26.67 -16.74
N VAL C 362 -9.27 27.50 -16.50
CA VAL C 362 -7.94 27.04 -16.12
C VAL C 362 -7.65 27.48 -14.69
N VAL C 363 -7.24 26.53 -13.86
CA VAL C 363 -6.90 26.84 -12.47
C VAL C 363 -5.48 27.41 -12.41
N PRO C 364 -5.14 28.19 -11.40
CA PRO C 364 -3.76 28.68 -11.27
C PRO C 364 -2.79 27.52 -11.12
N GLY C 365 -1.61 27.69 -11.71
CA GLY C 365 -0.60 26.65 -11.68
C GLY C 365 0.18 26.57 -12.98
N GLY C 366 -0.37 27.07 -14.09
CA GLY C 366 0.33 27.10 -15.38
C GLY C 366 0.47 25.76 -16.12
N ASP C 367 -0.20 24.69 -15.67
CA ASP C 367 -0.21 23.39 -16.37
C ASP C 367 -0.88 23.41 -17.75
N LEU C 368 -1.79 24.37 -18.00
CA LEU C 368 -2.69 24.41 -19.16
C LEU C 368 -2.84 25.85 -19.70
N ALA C 369 -2.99 26.00 -21.01
CA ALA C 369 -3.35 27.28 -21.64
C ALA C 369 -4.86 27.59 -21.54
N LYS C 370 -5.27 28.86 -21.36
CA LYS C 370 -6.67 29.26 -21.47
C LYS C 370 -7.08 29.18 -22.94
N VAL C 371 -7.93 28.23 -23.28
CA VAL C 371 -8.38 27.94 -24.65
C VAL C 371 -9.89 28.13 -24.77
N GLN C 372 -10.37 28.72 -25.87
CA GLN C 372 -11.78 29.02 -26.08
C GLN C 372 -12.58 27.83 -26.58
N ARG C 373 -11.94 26.74 -27.00
CA ARG C 373 -12.60 25.55 -27.52
C ARG C 373 -11.97 24.35 -26.85
N ALA C 374 -12.77 23.41 -26.42
CA ALA C 374 -12.30 22.11 -26.00
C ALA C 374 -13.26 21.02 -26.42
N VAL C 375 -12.76 19.81 -26.54
CA VAL C 375 -13.56 18.62 -26.71
C VAL C 375 -13.03 17.57 -25.76
N CYS C 376 -13.94 16.88 -25.09
CA CYS C 376 -13.66 15.60 -24.51
C CYS C 376 -14.24 14.54 -25.41
N MET C 377 -13.40 13.71 -26.02
CA MET C 377 -13.88 12.48 -26.60
C MET C 377 -14.00 11.47 -25.48
N LEU C 378 -15.04 10.66 -25.53
CA LEU C 378 -14.95 9.34 -24.94
C LEU C 378 -15.60 8.34 -25.88
N SER C 379 -15.00 7.16 -25.95
CA SER C 379 -15.27 6.27 -27.06
C SER C 379 -15.19 4.83 -26.62
N ASN C 380 -16.05 4.00 -27.17
CA ASN C 380 -16.20 2.62 -26.78
C ASN C 380 -15.57 1.80 -27.88
N THR C 381 -14.54 1.01 -27.60
CA THR C 381 -13.74 0.35 -28.63
C THR C 381 -13.27 -1.02 -28.19
N THR C 382 -13.25 -2.00 -29.09
CA THR C 382 -12.68 -3.32 -28.79
C THR C 382 -11.17 -3.27 -28.58
N ALA C 383 -10.50 -2.14 -28.88
CA ALA C 383 -9.11 -1.94 -28.48
C ALA C 383 -8.90 -1.98 -26.96
N ILE C 384 -9.91 -1.69 -26.13
CA ILE C 384 -9.75 -1.73 -24.66
C ILE C 384 -9.44 -3.13 -24.15
N ALA C 385 -9.87 -4.17 -24.87
CA ALA C 385 -9.69 -5.55 -24.49
C ALA C 385 -8.21 -5.92 -24.30
N GLU C 386 -7.29 -5.26 -25.01
CA GLU C 386 -5.87 -5.56 -24.86
C GLU C 386 -5.33 -5.16 -23.48
N ALA C 387 -5.82 -4.06 -22.89
CA ALA C 387 -5.41 -3.64 -21.56
C ALA C 387 -5.79 -4.69 -20.53
N TRP C 388 -6.97 -5.26 -20.69
CA TRP C 388 -7.46 -6.27 -19.77
C TRP C 388 -6.80 -7.62 -20.02
N ALA C 389 -6.47 -7.98 -21.27
CA ALA C 389 -5.75 -9.22 -21.53
C ALA C 389 -4.32 -9.15 -20.97
N ARG C 390 -3.61 -8.03 -21.15
CA ARG C 390 -2.25 -7.95 -20.60
C ARG C 390 -2.28 -7.94 -19.09
N LEU C 391 -3.38 -7.51 -18.47
CA LEU C 391 -3.51 -7.59 -17.01
C LEU C 391 -3.94 -8.97 -16.54
N ASP C 392 -4.92 -9.60 -17.19
CA ASP C 392 -5.32 -10.95 -16.80
C ASP C 392 -4.17 -11.94 -17.03
N HIS C 393 -3.22 -11.59 -17.90
CA HIS C 393 -2.04 -12.43 -18.08
C HIS C 393 -1.12 -12.32 -16.87
N LYS C 394 -0.98 -11.11 -16.32
CA LYS C 394 -0.23 -10.93 -15.08
C LYS C 394 -0.87 -11.65 -13.92
N PHE C 395 -2.20 -11.61 -13.81
CA PHE C 395 -2.92 -12.34 -12.76
C PHE C 395 -2.65 -13.85 -12.85
N ASP C 396 -2.69 -14.42 -14.05
CA ASP C 396 -2.42 -15.84 -14.21
C ASP C 396 -1.00 -16.22 -13.83
N LEU C 397 -0.03 -15.36 -14.12
CA LEU C 397 1.38 -15.66 -13.89
C LEU C 397 1.61 -15.89 -12.40
N MET C 398 1.00 -15.06 -11.56
CA MET C 398 1.01 -15.17 -10.10
C MET C 398 0.07 -16.25 -9.56
N TYR C 399 -1.17 -16.36 -10.05
CA TYR C 399 -2.14 -17.31 -9.49
C TYR C 399 -1.81 -18.77 -9.80
N ALA C 400 -1.07 -19.05 -10.89
CA ALA C 400 -0.63 -20.40 -11.26
C ALA C 400 0.15 -21.13 -10.15
N LYS C 401 0.71 -20.40 -9.18
CA LYS C 401 1.28 -20.97 -7.95
C LYS C 401 0.87 -20.25 -6.66
N ARG C 402 -0.36 -19.71 -6.61
CA ARG C 402 -0.98 -19.11 -5.41
C ARG C 402 -0.13 -18.01 -4.75
N ALA C 403 0.58 -17.21 -5.53
CA ALA C 403 1.70 -16.38 -5.09
C ALA C 403 1.50 -15.43 -3.90
N PHE C 404 0.30 -14.90 -3.63
CA PHE C 404 0.00 -14.13 -2.40
C PHE C 404 -1.34 -14.54 -1.79
N VAL C 405 -1.94 -15.63 -2.28
CA VAL C 405 -3.37 -15.93 -2.09
C VAL C 405 -3.71 -16.12 -0.62
N HIS C 406 -2.78 -16.54 0.23
CA HIS C 406 -3.04 -16.68 1.65
C HIS C 406 -3.45 -15.39 2.34
N TRP C 407 -3.00 -14.21 1.88
CA TRP C 407 -3.43 -12.93 2.47
C TRP C 407 -4.89 -12.63 2.17
N TYR C 408 -5.40 -13.09 1.04
CA TYR C 408 -6.78 -12.87 0.66
C TYR C 408 -7.66 -13.93 1.30
N VAL C 409 -7.28 -15.21 1.18
CA VAL C 409 -8.03 -16.30 1.81
C VAL C 409 -8.13 -16.14 3.33
N GLY C 410 -7.02 -15.81 4.00
CA GLY C 410 -7.01 -15.56 5.43
C GLY C 410 -7.87 -14.37 5.86
N GLU C 411 -8.16 -13.43 4.97
CA GLU C 411 -9.09 -12.33 5.19
C GLU C 411 -10.53 -12.67 4.76
N GLY C 412 -10.88 -13.96 4.73
CA GLY C 412 -12.26 -14.40 4.56
C GLY C 412 -12.72 -14.39 3.11
N MET C 413 -11.97 -15.05 2.23
CA MET C 413 -12.30 -15.22 0.82
C MET C 413 -12.09 -16.68 0.43
N GLU C 414 -13.02 -17.28 -0.30
CA GLU C 414 -12.81 -18.64 -0.81
C GLU C 414 -11.91 -18.58 -2.05
N GLU C 415 -10.96 -19.50 -2.22
CA GLU C 415 -10.11 -19.47 -3.41
C GLU C 415 -10.87 -19.72 -4.72
N GLY C 416 -12.13 -20.17 -4.69
CA GLY C 416 -12.92 -20.27 -5.91
C GLY C 416 -13.27 -18.91 -6.47
N GLU C 417 -13.27 -17.85 -5.65
CA GLU C 417 -13.62 -16.48 -6.07
C GLU C 417 -12.59 -15.90 -7.05
N PHE C 418 -11.31 -16.26 -6.89
CA PHE C 418 -10.27 -15.92 -7.86
C PHE C 418 -10.54 -16.56 -9.22
N SER C 419 -10.87 -17.85 -9.26
CA SER C 419 -11.14 -18.53 -10.51
C SER C 419 -12.40 -17.99 -11.18
N GLU C 420 -13.44 -17.68 -10.39
CA GLU C 420 -14.68 -17.06 -10.88
C GLU C 420 -14.44 -15.68 -11.47
N ALA C 421 -13.69 -14.82 -10.79
CA ALA C 421 -13.39 -13.49 -11.31
C ALA C 421 -12.51 -13.57 -12.57
N ARG C 422 -11.63 -14.57 -12.64
CA ARG C 422 -10.77 -14.82 -13.79
C ARG C 422 -11.52 -15.30 -15.03
N GLU C 423 -12.42 -16.29 -14.89
CA GLU C 423 -13.19 -16.80 -16.00
C GLU C 423 -14.25 -15.79 -16.46
N ASP C 424 -14.74 -14.93 -15.53
CA ASP C 424 -15.58 -13.77 -15.84
C ASP C 424 -14.86 -12.74 -16.70
N MET C 425 -13.63 -12.37 -16.33
CA MET C 425 -12.80 -11.54 -17.18
C MET C 425 -12.65 -12.18 -18.57
N ALA C 426 -12.38 -13.47 -18.65
CA ALA C 426 -12.20 -14.13 -19.95
C ALA C 426 -13.48 -14.09 -20.77
N ALA C 427 -14.62 -14.27 -20.12
CA ALA C 427 -15.90 -14.16 -20.82
C ALA C 427 -16.09 -12.76 -21.38
N LEU C 428 -15.72 -11.72 -20.62
CA LEU C 428 -15.77 -10.33 -21.12
C LEU C 428 -14.82 -10.15 -22.29
N GLU C 429 -13.66 -10.82 -22.27
CA GLU C 429 -12.77 -10.79 -23.42
C GLU C 429 -13.43 -11.37 -24.65
N LYS C 430 -14.09 -12.52 -24.50
CA LYS C 430 -14.77 -13.12 -25.63
C LYS C 430 -15.93 -12.25 -26.12
N ASP C 431 -16.62 -11.59 -25.20
CA ASP C 431 -17.71 -10.69 -25.59
C ASP C 431 -17.18 -9.52 -26.41
N TYR C 432 -16.06 -8.92 -26.01
CA TYR C 432 -15.47 -7.82 -26.76
C TYR C 432 -14.81 -8.28 -28.06
N GLU C 433 -14.32 -9.52 -28.18
CA GLU C 433 -13.78 -9.96 -29.47
C GLU C 433 -14.88 -10.37 -30.45
N GLU C 434 -16.01 -10.90 -29.95
CA GLU C 434 -17.06 -11.34 -30.86
C GLU C 434 -17.73 -10.17 -31.55
N VAL C 435 -17.94 -9.04 -30.85
CA VAL C 435 -18.43 -7.79 -31.45
C VAL C 435 -17.35 -7.08 -32.27
N GLY C 436 -16.12 -7.57 -32.27
CA GLY C 436 -15.08 -7.16 -33.22
C GLY C 436 -15.30 -7.74 -34.63
N VAL C 437 -16.18 -8.74 -34.79
CA VAL C 437 -16.52 -9.32 -36.10
C VAL C 437 -17.53 -8.44 -36.84
N ASP C 438 -17.18 -8.01 -38.05
CA ASP C 438 -18.12 -7.38 -38.99
C ASP C 438 -19.12 -8.42 -39.50
N SER C 439 -20.44 -8.14 -39.47
CA SER C 439 -21.44 -9.07 -39.98
C SER C 439 -21.62 -8.92 -41.48
ZN ZN D . -0.35 -36.93 15.94
PG GTP E . 24.17 -11.57 27.77
O1G GTP E . 25.30 -10.88 28.43
O2G GTP E . 24.59 -12.76 27.00
O3G GTP E . 23.06 -11.84 28.71
O3B GTP E . 23.56 -10.60 26.69
PB GTP E . 24.07 -9.11 26.46
O1B GTP E . 25.52 -9.06 26.13
O2B GTP E . 23.58 -8.23 27.57
O3A GTP E . 23.32 -8.51 25.19
PA GTP E . 23.42 -9.11 23.71
O1A GTP E . 23.03 -7.96 22.86
O2A GTP E . 22.50 -10.27 23.64
O5' GTP E . 24.82 -9.61 23.12
C5' GTP E . 25.74 -8.74 22.46
C4' GTP E . 26.06 -9.20 21.01
O4' GTP E . 25.29 -8.49 20.03
C3' GTP E . 27.54 -9.02 20.62
O3' GTP E . 28.31 -10.21 20.65
C2' GTP E . 27.48 -8.50 19.17
O2' GTP E . 27.36 -9.58 18.27
C1' GTP E . 26.15 -7.74 19.17
N9 GTP E . 26.28 -6.33 19.61
C8 GTP E . 26.63 -5.82 20.84
N7 GTP E . 26.46 -4.53 20.96
C5 GTP E . 25.99 -4.14 19.70
C6 GTP E . 25.59 -2.87 19.19
O6 GTP E . 25.52 -1.78 19.77
N1 GTP E . 25.18 -2.90 17.88
C2 GTP E . 25.21 -4.01 17.12
N2 GTP E . 24.93 -3.84 15.87
N3 GTP E . 25.57 -5.22 17.54
C4 GTP E . 25.93 -5.24 18.86
H5' GTP E . 25.37 -7.73 22.43
H5'' GTP E . 26.67 -8.74 23.04
H4' GTP E . 25.83 -10.27 20.93
H3' GTP E . 28.01 -8.25 21.24
HO3' GTP E . 28.50 -10.44 21.56
H2' GTP E . 28.31 -7.85 18.93
HO2' GTP E . 27.82 -10.31 18.69
H1' GTP E . 25.75 -7.73 18.16
H8 GTP E . 26.99 -6.42 21.65
HN1 GTP E . 24.84 -2.04 17.48
HN21 GTP E . 24.65 -2.94 15.52
HN22 GTP E . 25.15 -4.61 15.25
MG MG F . 22.80 -7.02 28.89
PG GTP G . -5.37 1.02 0.16
O1G GTP G . -4.43 2.11 0.48
O2G GTP G . -4.71 -0.20 -0.35
O3G GTP G . -6.40 0.75 1.18
O3B GTP G . -6.29 1.40 -1.07
PB GTP G . -6.24 2.80 -1.82
O1B GTP G . -6.13 3.98 -0.92
O2B GTP G . -7.48 2.72 -2.64
O3A GTP G . -5.01 2.61 -2.81
PA GTP G . -4.35 3.90 -3.45
O1A GTP G . -3.34 4.44 -2.53
O2A GTP G . -5.37 4.78 -4.07
O5' GTP G . -3.43 3.32 -4.64
C5' GTP G . -3.94 2.53 -5.70
C4' GTP G . -3.39 2.93 -7.09
O4' GTP G . -3.71 4.28 -7.41
C3' GTP G . -1.87 2.77 -7.26
O3' GTP G . -1.58 2.31 -8.58
C2' GTP G . -1.41 4.21 -7.05
O2' GTP G . -0.16 4.53 -7.61
C1' GTP G . -2.53 4.99 -7.72
N9 GTP G . -2.61 6.38 -7.22
C8 GTP G . -2.41 6.85 -5.95
N7 GTP G . -2.64 8.12 -5.80
C5 GTP G . -3.00 8.55 -7.07
C6 GTP G . -3.42 9.84 -7.56
O6 GTP G . -3.58 10.90 -6.96
N1 GTP G . -3.70 9.84 -8.90
C2 GTP G . -3.55 8.77 -9.70
N2 GTP G . -3.79 8.97 -10.97
N3 GTP G . -3.18 7.56 -9.30
C4 GTP G . -2.94 7.50 -7.96
H5' GTP G . -3.67 1.49 -5.52
H5'' GTP G . -5.03 2.58 -5.72
H4' GTP G . -3.87 2.28 -7.84
H3' GTP G . -1.45 2.11 -6.51
HO3' GTP G . -1.36 1.38 -8.58
H2' GTP G . -1.40 4.41 -5.97
HO2' GTP G . 0.34 3.73 -7.72
H1' GTP G . -2.36 4.99 -8.78
H8 GTP G . -2.13 6.21 -5.13
HN1 GTP G . -4.03 10.72 -9.29
HN21 GTP G . -4.09 9.88 -11.30
HN22 GTP G . -3.59 8.22 -11.61
MG MG H . -6.96 8.06 3.87
#